data_8QJR
#
_entry.id   8QJR
#
_cell.length_a   167.68
_cell.length_b   88.044
_cell.length_c   84.978
_cell.angle_alpha   90
_cell.angle_beta   105.89
_cell.angle_gamma   90
#
_symmetry.space_group_name_H-M   'C 1 2 1'
#
loop_
_entity.id
_entity.type
_entity.pdbx_description
1 polymer Elongin-B
2 polymer Elongin-C
3 polymer 'von Hippel-Lindau disease tumor suppressor'
4 polymer 'Transcription activator BRG1'
5 non-polymer 'PHOSPHATE ION'
6 non-polymer GLYCEROL
7 non-polymer (2S,4R)-1-[(2R)-2-[3-[2-[4-[3-[4-[(1R,5S)-3-[3-azanyl-6-(2-hydroxyphenyl)pyridazin-4-yl]-3,8-diazabicyclo[3.2.1]octan-8-yl]pyridin-2-yl]oxycyclobutyl]oxypiperidin-1-yl]ethoxy]-1,2-oxazol-5-yl]-3-methyl-butanoyl]-N-[(1S)-1-[4-(4-methyl-1,3-thiazol-5-yl)phenyl]ethyl]-4-oxidanyl-pyrrolidine-2-carboxamide
8 non-polymer 'CHLORIDE ION'
9 water water
#
loop_
_entity_poly.entity_id
_entity_poly.type
_entity_poly.pdbx_seq_one_letter_code
_entity_poly.pdbx_strand_id
1 'polypeptide(L)'
;MDVFLMIRRHKTTIFTDAKESSTVFELKRIVEGILKRPPDEQRLYKDDQLLDDGKTLGECGFTSQTARPQAPATVGLAFR
ADDTFEALCIEPFSSPPELPDVMK
;
A,D
2 'polypeptide(L)'
;MMYVKLISSDGHEFIVKREHALTSGTIKAMLSGPGQFAENETNEVNFREIPSHVLSKVCMYFTYKVRYTNSSTEIPEFPI
APEIALELLMAANFLDC
;
B,E
3 'polypeptide(L)'
;GSMEAGRPRPVLRSVNSREPSQVIFCNRSPRVVLPVWLNFDGEPQPYPTLPPGTGRRIHSYRGHLWLFRDAGTHDGLLVN
QTELFVPSLNVDGQPIFANITLPVYTLKERCLQVVRSLVKPENYRRLDIVRSLYEDLEDHPNVQKDLERLTQERIAHQRM
GD
;
C,F
4 'polypeptide(L)'
;SMLSPNPPNLTKKMKKIVDAVIKYKDSSSGRQLSEVFIQLPSRKELPEYYELIRKPVDFKKIKERIRNHKYRSLNDLEKD
VMLLCQNAQTFNLEGSLIYEDSIVLQSVFTSVRQKIEKEDD
;
G,H
#
loop_
_chem_comp.id
_chem_comp.type
_chem_comp.name
_chem_comp.formula
CL non-polymer 'CHLORIDE ION' 'Cl -1'
GOL non-polymer GLYCEROL 'C3 H8 O3'
PO4 non-polymer 'PHOSPHATE ION' 'O4 P -3'
VLH non-polymer (2S,4R)-1-[(2R)-2-[3-[2-[4-[3-[4-[(1R,5S)-3-[3-azanyl-6-(2-hydroxyphenyl)pyridazin-4-yl]-3,8-diazabicyclo[3.2.1]octan-8-yl]pyridin-2-yl]oxycyclobutyl]oxypiperidin-1-yl]ethoxy]-1,2-oxazol-5-yl]-3-methyl-butanoyl]-N-[(1S)-1-[4-(4-methyl-1,3-thiazol-5-yl)phenyl]ethyl]-4-oxidanyl-pyrrolidine-2-carboxamide 'C57 H69 N11 O8 S'
#
# COMPACT_ATOMS: atom_id res chain seq x y z
N MET A 1 8.71 9.42 -31.83
CA MET A 1 10.06 9.23 -32.33
C MET A 1 10.35 7.75 -32.55
N ASP A 2 10.00 6.90 -31.58
CA ASP A 2 10.22 5.47 -31.72
C ASP A 2 9.12 4.85 -32.55
N VAL A 3 9.50 3.89 -33.35
CA VAL A 3 8.60 3.13 -34.18
C VAL A 3 8.71 1.67 -33.73
N PHE A 4 7.60 0.95 -33.69
CA PHE A 4 7.57 -0.41 -33.21
C PHE A 4 7.28 -1.39 -34.32
N LEU A 5 8.21 -2.28 -34.55
CA LEU A 5 8.14 -3.20 -35.66
C LEU A 5 8.07 -4.67 -35.29
N MET A 6 7.61 -5.44 -36.26
CA MET A 6 7.47 -6.88 -36.27
C MET A 6 8.13 -7.31 -37.60
N ILE A 7 9.44 -7.60 -37.60
CA ILE A 7 10.13 -8.02 -38.82
C ILE A 7 9.80 -9.49 -39.06
N ARG A 8 9.11 -9.80 -40.16
CA ARG A 8 8.64 -11.15 -40.39
C ARG A 8 9.12 -11.85 -41.65
N ARG A 9 9.47 -13.14 -41.48
CA ARG A 9 9.91 -14.03 -42.56
C ARG A 9 9.64 -15.47 -42.15
N HIS A 10 8.93 -16.23 -43.01
CA HIS A 10 8.58 -17.64 -42.80
C HIS A 10 7.75 -17.73 -41.50
N LYS A 11 8.08 -18.63 -40.56
CA LYS A 11 7.39 -18.64 -39.27
C LYS A 11 8.19 -17.86 -38.21
N THR A 12 9.13 -17.00 -38.63
CA THR A 12 9.95 -16.20 -37.75
C THR A 12 9.41 -14.79 -37.73
N THR A 13 9.35 -14.19 -36.54
CA THR A 13 8.85 -12.84 -36.34
C THR A 13 9.68 -12.17 -35.25
N ILE A 14 10.35 -11.05 -35.57
CA ILE A 14 11.18 -10.31 -34.62
C ILE A 14 10.48 -9.04 -34.16
N PHE A 15 10.38 -8.86 -32.84
CA PHE A 15 9.80 -7.66 -32.27
C PHE A 15 10.94 -6.75 -31.87
N THR A 16 11.03 -5.59 -32.51
CA THR A 16 12.04 -4.60 -32.20
C THR A 16 11.53 -3.20 -32.47
N ASP A 17 12.19 -2.21 -31.88
CA ASP A 17 11.88 -0.82 -32.10
C ASP A 17 13.09 -0.10 -32.68
N ALA A 18 12.86 1.08 -33.25
CA ALA A 18 13.90 1.90 -33.86
C ALA A 18 13.37 3.35 -33.97
N LYS A 19 14.22 4.33 -34.29
CA LYS A 19 13.77 5.70 -34.45
C LYS A 19 13.15 5.88 -35.83
N GLU A 20 12.24 6.84 -35.95
CA GLU A 20 11.61 7.17 -37.23
C GLU A 20 12.69 7.66 -38.23
N SER A 21 13.75 8.32 -37.71
CA SER A 21 14.88 8.81 -38.49
C SER A 21 15.95 7.73 -38.78
N SER A 22 15.81 6.53 -38.18
CA SER A 22 16.74 5.44 -38.45
C SER A 22 16.56 4.93 -39.88
N THR A 23 17.60 4.36 -40.48
CA THR A 23 17.54 3.92 -41.88
C THR A 23 17.20 2.46 -42.04
N VAL A 24 16.67 2.10 -43.22
CA VAL A 24 16.38 0.71 -43.60
C VAL A 24 17.63 -0.15 -43.46
N PHE A 25 18.80 0.40 -43.81
CA PHE A 25 20.06 -0.32 -43.68
C PHE A 25 20.35 -0.68 -42.22
N GLU A 26 20.14 0.25 -41.29
CA GLU A 26 20.36 0.00 -39.88
C GLU A 26 19.46 -1.10 -39.31
N LEU A 27 18.26 -1.25 -39.90
CA LEU A 27 17.32 -2.31 -39.52
C LEU A 27 17.89 -3.66 -39.95
N LYS A 28 18.48 -3.73 -41.15
CA LYS A 28 19.13 -4.94 -41.64
C LYS A 28 20.27 -5.35 -40.70
N ARG A 29 20.93 -4.36 -40.07
CA ARG A 29 21.99 -4.57 -39.12
C ARG A 29 21.46 -5.27 -37.88
N ILE A 30 20.31 -4.81 -37.36
CA ILE A 30 19.68 -5.43 -36.21
C ILE A 30 19.31 -6.88 -36.52
N VAL A 31 18.83 -7.13 -37.75
CA VAL A 31 18.49 -8.47 -38.21
C VAL A 31 19.74 -9.34 -38.27
N GLU A 32 20.85 -8.78 -38.73
CA GLU A 32 22.12 -9.49 -38.82
C GLU A 32 22.56 -10.02 -37.46
N GLY A 33 22.47 -9.20 -36.43
CA GLY A 33 22.83 -9.62 -35.09
C GLY A 33 21.99 -10.78 -34.60
N ILE A 34 20.70 -10.77 -34.94
CA ILE A 34 19.78 -11.80 -34.51
C ILE A 34 19.82 -13.08 -35.38
N LEU A 35 19.46 -12.99 -36.66
CA LEU A 35 19.44 -14.14 -37.56
C LEU A 35 20.76 -14.46 -38.24
N LYS A 36 21.85 -13.79 -37.84
CA LYS A 36 23.19 -13.99 -38.37
C LYS A 36 23.24 -13.99 -39.90
N ARG A 37 22.85 -12.87 -40.53
CA ARG A 37 22.83 -12.74 -41.98
C ARG A 37 23.23 -11.33 -42.38
N PRO A 38 24.25 -11.16 -43.22
CA PRO A 38 24.68 -9.82 -43.63
C PRO A 38 23.64 -9.00 -44.35
N PRO A 39 23.63 -7.67 -44.13
CA PRO A 39 22.63 -6.81 -44.78
C PRO A 39 22.46 -7.01 -46.29
N ASP A 40 23.56 -7.23 -47.00
CA ASP A 40 23.53 -7.45 -48.45
C ASP A 40 22.78 -8.73 -48.86
N GLU A 41 22.64 -9.68 -47.93
CA GLU A 41 21.91 -10.91 -48.20
C GLU A 41 20.43 -10.87 -47.78
N GLN A 42 19.94 -9.71 -47.34
CA GLN A 42 18.55 -9.58 -46.92
C GLN A 42 17.83 -8.43 -47.61
N ARG A 43 16.53 -8.59 -47.81
CA ARG A 43 15.68 -7.58 -48.44
C ARG A 43 14.53 -7.29 -47.50
N LEU A 44 14.25 -6.01 -47.27
CA LEU A 44 13.16 -5.62 -46.39
C LEU A 44 12.01 -5.01 -47.17
N TYR A 45 10.80 -5.49 -46.91
CA TYR A 45 9.62 -5.04 -47.64
C TYR A 45 8.60 -4.34 -46.74
N LYS A 46 7.62 -3.69 -47.38
CA LYS A 46 6.49 -3.07 -46.70
C LYS A 46 5.31 -3.31 -47.61
N ASP A 47 4.60 -4.42 -47.42
CA ASP A 47 3.44 -4.81 -48.24
C ASP A 47 3.84 -5.03 -49.69
N ASP A 48 4.87 -5.87 -49.91
CA ASP A 48 5.41 -6.20 -51.24
C ASP A 48 6.04 -5.00 -51.95
N GLN A 49 6.62 -4.07 -51.18
CA GLN A 49 7.29 -2.90 -51.74
C GLN A 49 8.71 -2.91 -51.20
N LEU A 50 9.68 -3.22 -52.06
CA LEU A 50 11.08 -3.26 -51.63
C LEU A 50 11.54 -1.90 -51.14
N LEU A 51 12.26 -1.87 -50.02
CA LEU A 51 12.70 -0.63 -49.39
C LEU A 51 14.17 -0.32 -49.67
N ASP A 52 14.51 0.97 -49.83
CA ASP A 52 15.88 1.37 -50.07
C ASP A 52 16.63 1.57 -48.76
N ASP A 53 17.84 1.03 -48.67
CA ASP A 53 18.68 1.11 -47.48
C ASP A 53 18.99 2.51 -46.99
N GLY A 54 19.02 3.47 -47.90
CA GLY A 54 19.30 4.86 -47.55
C GLY A 54 18.09 5.62 -46.99
N LYS A 55 16.89 5.06 -47.15
CA LYS A 55 15.68 5.69 -46.68
C LYS A 55 15.47 5.50 -45.18
N THR A 56 14.90 6.52 -44.53
CA THR A 56 14.56 6.41 -43.12
C THR A 56 13.27 5.62 -43.02
N LEU A 57 13.03 5.01 -41.86
CA LEU A 57 11.78 4.30 -41.60
C LEU A 57 10.59 5.26 -41.72
N GLY A 58 10.78 6.51 -41.32
CA GLY A 58 9.78 7.56 -41.45
C GLY A 58 9.36 7.74 -42.89
N GLU A 59 10.34 7.87 -43.79
CA GLU A 59 10.09 8.00 -45.23
C GLU A 59 9.39 6.77 -45.78
N CYS A 60 9.75 5.58 -45.28
CA CYS A 60 9.12 4.34 -45.70
C CYS A 60 7.69 4.14 -45.22
N GLY A 61 7.15 5.09 -44.45
CA GLY A 61 5.79 4.97 -43.96
C GLY A 61 5.64 4.48 -42.53
N PHE A 62 6.75 4.26 -41.83
CA PHE A 62 6.70 3.82 -40.43
C PHE A 62 6.74 5.03 -39.52
N THR A 63 5.60 5.41 -38.97
CA THR A 63 5.47 6.56 -38.08
C THR A 63 4.92 6.14 -36.71
N SER A 64 4.94 7.05 -35.73
CA SER A 64 4.39 6.77 -34.40
C SER A 64 2.89 6.46 -34.44
N GLN A 65 2.16 6.96 -35.44
CA GLN A 65 0.74 6.66 -35.58
C GLN A 65 0.47 5.34 -36.32
N THR A 66 1.52 4.66 -36.83
CA THR A 66 1.36 3.41 -37.57
C THR A 66 2.14 2.24 -36.94
N ALA A 67 3.23 2.55 -36.26
CA ALA A 67 4.07 1.54 -35.62
C ALA A 67 3.99 1.74 -34.11
N ARG A 68 2.83 1.39 -33.54
CA ARG A 68 2.57 1.56 -32.11
C ARG A 68 2.92 0.29 -31.32
N PRO A 69 3.32 0.42 -30.04
CA PRO A 69 3.67 -0.79 -29.27
C PRO A 69 2.59 -1.86 -29.24
N GLN A 70 1.34 -1.44 -29.02
CA GLN A 70 0.20 -2.34 -29.00
C GLN A 70 -0.22 -2.84 -30.39
N ALA A 71 0.24 -2.17 -31.45
CA ALA A 71 -0.07 -2.56 -32.82
C ALA A 71 1.13 -2.24 -33.72
N PRO A 72 2.22 -3.02 -33.58
CA PRO A 72 3.43 -2.75 -34.38
C PRO A 72 3.25 -2.94 -35.87
N ALA A 73 4.04 -2.20 -36.65
CA ALA A 73 4.00 -2.30 -38.10
C ALA A 73 4.77 -3.55 -38.54
N THR A 74 4.38 -4.14 -39.66
CA THR A 74 5.03 -5.35 -40.16
C THR A 74 6.05 -5.04 -41.26
N VAL A 75 7.24 -5.64 -41.18
CA VAL A 75 8.28 -5.49 -42.20
C VAL A 75 8.59 -6.87 -42.74
N GLY A 76 8.45 -7.04 -44.05
CA GLY A 76 8.75 -8.31 -44.67
C GLY A 76 10.24 -8.54 -44.78
N LEU A 77 10.67 -9.80 -44.70
CA LEU A 77 12.07 -10.15 -44.81
C LEU A 77 12.23 -11.31 -45.81
N ALA A 78 13.29 -11.25 -46.63
CA ALA A 78 13.62 -12.26 -47.61
C ALA A 78 15.14 -12.43 -47.60
N PHE A 79 15.61 -13.68 -47.56
CA PHE A 79 17.03 -13.99 -47.51
C PHE A 79 17.66 -14.31 -48.89
N ARG A 80 18.95 -14.70 -48.92
CA ARG A 80 19.62 -14.96 -50.19
C ARG A 80 20.07 -16.39 -50.37
N ALA A 81 19.34 -17.14 -51.18
CA ALA A 81 19.69 -18.52 -51.51
C ALA A 81 20.26 -18.48 -52.92
N ASP A 82 21.56 -18.77 -53.08
CA ASP A 82 22.25 -18.77 -54.36
C ASP A 82 22.29 -17.33 -54.98
N ASP A 83 22.10 -17.18 -56.30
CA ASP A 83 22.12 -15.91 -57.01
C ASP A 83 20.82 -15.13 -56.85
N THR A 84 19.68 -15.84 -56.77
CA THR A 84 18.38 -15.20 -56.67
C THR A 84 17.88 -15.12 -55.23
N PHE A 85 17.36 -13.95 -54.81
CA PHE A 85 16.79 -13.78 -53.49
C PHE A 85 15.48 -14.58 -53.44
N GLU A 86 15.21 -15.28 -52.33
CA GLU A 86 13.98 -16.05 -52.19
C GLU A 86 12.75 -15.13 -52.23
N ALA A 87 11.58 -15.70 -52.52
CA ALA A 87 10.35 -14.93 -52.57
C ALA A 87 9.90 -14.56 -51.16
N LEU A 88 9.29 -13.39 -51.01
CA LEU A 88 8.78 -12.95 -49.72
C LEU A 88 7.65 -13.87 -49.26
N CYS A 89 7.82 -14.53 -48.13
CA CYS A 89 6.82 -15.45 -47.60
C CYS A 89 6.62 -15.22 -46.13
N ILE A 90 5.41 -14.84 -45.71
CA ILE A 90 5.12 -14.63 -44.29
C ILE A 90 4.03 -15.59 -43.86
N GLU A 91 4.35 -16.59 -43.05
CA GLU A 91 3.35 -17.54 -42.56
C GLU A 91 2.40 -16.83 -41.63
N PRO A 92 1.09 -16.84 -41.94
CA PRO A 92 0.14 -16.15 -41.06
C PRO A 92 -0.01 -16.85 -39.71
N PHE A 93 -0.58 -16.13 -38.75
CA PHE A 93 -0.80 -16.68 -37.43
C PHE A 93 -2.07 -17.54 -37.43
N SER A 94 -2.18 -18.44 -36.45
CA SER A 94 -3.35 -19.30 -36.31
C SER A 94 -4.63 -18.48 -36.15
N SER A 95 -5.79 -19.09 -36.38
CA SER A 95 -7.05 -18.39 -36.28
C SER A 95 -7.73 -18.67 -34.94
N PRO A 96 -8.20 -17.62 -34.26
CA PRO A 96 -8.88 -17.84 -32.97
C PRO A 96 -10.19 -18.60 -33.15
N PRO A 97 -10.59 -19.38 -32.13
CA PRO A 97 -11.84 -20.15 -32.25
C PRO A 97 -13.10 -19.29 -32.32
N GLU A 98 -14.25 -19.93 -32.55
CA GLU A 98 -15.55 -19.27 -32.63
C GLU A 98 -15.85 -18.53 -31.35
N LEU A 99 -16.36 -17.29 -31.44
CA LEU A 99 -16.67 -16.45 -30.28
C LEU A 99 -17.62 -17.18 -29.32
N PRO A 100 -17.25 -17.28 -28.04
CA PRO A 100 -18.10 -18.01 -27.08
C PRO A 100 -19.53 -17.46 -27.03
N ASP A 101 -20.50 -18.37 -26.91
CA ASP A 101 -21.92 -18.02 -26.88
C ASP A 101 -22.29 -17.03 -25.77
N VAL A 102 -21.51 -17.00 -24.69
CA VAL A 102 -21.74 -16.07 -23.59
C VAL A 102 -21.30 -14.63 -23.93
N MET A 103 -20.50 -14.44 -24.99
CA MET A 103 -20.02 -13.12 -25.41
C MET A 103 -20.91 -12.53 -26.50
N MET B 1 22.21 -13.08 -23.67
CA MET B 1 22.02 -12.51 -25.01
C MET B 1 21.03 -11.33 -24.99
N MET B 2 21.17 -10.43 -25.95
CA MET B 2 20.33 -9.25 -26.13
C MET B 2 18.87 -9.63 -26.49
N TYR B 3 18.69 -10.76 -27.17
CA TYR B 3 17.38 -11.24 -27.59
C TYR B 3 17.12 -12.69 -27.14
N VAL B 4 15.85 -13.12 -27.16
CA VAL B 4 15.44 -14.48 -26.79
C VAL B 4 14.38 -14.98 -27.78
N LYS B 5 14.22 -16.31 -27.87
CA LYS B 5 13.26 -16.90 -28.78
C LYS B 5 12.13 -17.63 -28.05
N LEU B 6 10.90 -17.23 -28.32
CA LEU B 6 9.72 -17.84 -27.71
C LEU B 6 9.01 -18.61 -28.84
N ILE B 7 8.79 -19.92 -28.67
CA ILE B 7 8.18 -20.71 -29.74
C ILE B 7 6.77 -21.16 -29.39
N SER B 8 5.82 -20.85 -30.27
CA SER B 8 4.43 -21.21 -30.07
C SER B 8 4.21 -22.72 -30.27
N SER B 9 2.99 -23.19 -29.95
CA SER B 9 2.60 -24.59 -30.12
C SER B 9 2.64 -24.95 -31.60
N ASP B 10 2.17 -24.05 -32.47
CA ASP B 10 2.14 -24.29 -33.90
C ASP B 10 3.47 -24.01 -34.62
N GLY B 11 4.55 -23.80 -33.88
CA GLY B 11 5.88 -23.64 -34.47
C GLY B 11 6.45 -22.27 -34.74
N HIS B 12 5.64 -21.19 -34.64
CA HIS B 12 6.15 -19.84 -34.88
C HIS B 12 7.20 -19.45 -33.87
N GLU B 13 8.24 -18.73 -34.31
CA GLU B 13 9.32 -18.30 -33.44
C GLU B 13 9.37 -16.78 -33.34
N PHE B 14 9.22 -16.27 -32.11
CA PHE B 14 9.21 -14.84 -31.85
C PHE B 14 10.50 -14.40 -31.17
N ILE B 15 11.27 -13.55 -31.82
CA ILE B 15 12.50 -13.04 -31.25
C ILE B 15 12.17 -11.73 -30.56
N VAL B 16 12.32 -11.69 -29.24
CA VAL B 16 12.03 -10.49 -28.47
C VAL B 16 13.24 -10.12 -27.62
N LYS B 17 13.36 -8.85 -27.21
CA LYS B 17 14.48 -8.43 -26.35
C LYS B 17 14.37 -9.12 -24.99
N ARG B 18 15.50 -9.49 -24.39
CA ARG B 18 15.53 -10.19 -23.10
C ARG B 18 14.84 -9.41 -22.00
N GLU B 19 15.10 -8.10 -21.90
CA GLU B 19 14.47 -7.25 -20.89
C GLU B 19 12.95 -7.26 -21.05
N HIS B 20 12.48 -7.20 -22.29
CA HIS B 20 11.04 -7.24 -22.57
C HIS B 20 10.42 -8.55 -22.12
N ALA B 21 11.08 -9.68 -22.37
CA ALA B 21 10.54 -10.98 -21.97
C ALA B 21 10.52 -11.13 -20.45
N LEU B 22 11.50 -10.53 -19.75
CA LEU B 22 11.54 -10.59 -18.29
C LEU B 22 10.29 -10.00 -17.63
N THR B 23 9.47 -9.26 -18.38
CA THR B 23 8.17 -8.76 -17.92
C THR B 23 7.31 -9.91 -17.36
N SER B 24 7.50 -11.11 -17.92
CA SER B 24 6.84 -12.32 -17.46
C SER B 24 7.71 -12.98 -16.42
N GLY B 25 7.15 -13.21 -15.24
CA GLY B 25 7.85 -13.87 -14.15
C GLY B 25 8.14 -15.31 -14.50
N THR B 26 7.18 -15.97 -15.17
CA THR B 26 7.32 -17.36 -15.62
C THR B 26 8.52 -17.49 -16.55
N ILE B 27 8.61 -16.64 -17.58
CA ILE B 27 9.73 -16.67 -18.51
C ILE B 27 11.03 -16.34 -17.78
N LYS B 28 10.98 -15.35 -16.88
CA LYS B 28 12.13 -14.97 -16.06
C LYS B 28 12.69 -16.15 -15.25
N ALA B 29 11.83 -17.15 -14.96
CA ALA B 29 12.24 -18.35 -14.23
C ALA B 29 12.62 -19.45 -15.19
N MET B 30 11.89 -19.59 -16.32
CA MET B 30 12.17 -20.59 -17.36
C MET B 30 13.60 -20.44 -17.87
N LEU B 31 14.07 -19.19 -18.00
CA LEU B 31 15.46 -18.93 -18.38
C LEU B 31 16.32 -19.16 -17.14
N SER B 32 17.03 -20.30 -17.08
CA SER B 32 17.87 -20.64 -15.92
C SER B 32 18.78 -21.83 -16.25
N ASN B 43 18.41 -19.72 -23.94
CA ASN B 43 18.10 -18.65 -24.89
C ASN B 43 16.73 -18.84 -25.56
N GLU B 44 16.23 -20.08 -25.63
CA GLU B 44 14.93 -20.40 -26.23
C GLU B 44 13.96 -20.93 -25.18
N VAL B 45 12.65 -20.72 -25.42
CA VAL B 45 11.59 -21.19 -24.54
C VAL B 45 10.48 -21.74 -25.44
N ASN B 46 10.02 -22.98 -25.20
CA ASN B 46 8.97 -23.58 -26.03
C ASN B 46 7.65 -23.70 -25.28
N PHE B 47 6.60 -23.02 -25.79
CA PHE B 47 5.27 -23.06 -25.18
C PHE B 47 4.36 -24.00 -25.95
N ARG B 48 4.20 -25.23 -25.46
CA ARG B 48 3.35 -26.23 -26.09
C ARG B 48 1.85 -25.95 -25.97
N GLU B 49 1.45 -24.94 -25.17
CA GLU B 49 0.04 -24.63 -24.98
C GLU B 49 -0.40 -23.29 -25.53
N ILE B 50 0.53 -22.40 -25.85
CA ILE B 50 0.19 -21.07 -26.36
C ILE B 50 0.29 -20.98 -27.87
N PRO B 51 -0.82 -20.66 -28.56
CA PRO B 51 -0.81 -20.56 -30.03
C PRO B 51 -0.19 -19.27 -30.56
N SER B 52 0.08 -19.19 -31.87
CA SER B 52 0.68 -18.00 -32.48
C SER B 52 -0.17 -16.75 -32.35
N HIS B 53 -1.48 -16.84 -32.60
CA HIS B 53 -2.36 -15.68 -32.46
C HIS B 53 -2.45 -15.16 -31.02
N VAL B 54 -2.00 -15.95 -30.03
CA VAL B 54 -1.99 -15.54 -28.63
C VAL B 54 -0.61 -14.97 -28.32
N LEU B 55 0.46 -15.76 -28.55
CA LEU B 55 1.84 -15.35 -28.26
C LEU B 55 2.25 -14.06 -28.97
N SER B 56 1.66 -13.74 -30.14
CA SER B 56 1.99 -12.48 -30.82
C SER B 56 1.45 -11.31 -30.02
N LYS B 57 0.26 -11.46 -29.40
CA LYS B 57 -0.33 -10.41 -28.57
C LYS B 57 0.45 -10.25 -27.27
N VAL B 58 0.96 -11.36 -26.70
CA VAL B 58 1.77 -11.34 -25.49
C VAL B 58 3.03 -10.51 -25.73
N CYS B 59 3.72 -10.76 -26.84
CA CYS B 59 4.92 -10.00 -27.19
C CYS B 59 4.61 -8.53 -27.42
N MET B 60 3.45 -8.23 -28.02
CA MET B 60 3.01 -6.83 -28.21
C MET B 60 2.78 -6.17 -26.86
N TYR B 61 2.26 -6.92 -25.89
CA TYR B 61 2.04 -6.42 -24.54
C TYR B 61 3.39 -6.10 -23.88
N PHE B 62 4.43 -6.91 -24.14
CA PHE B 62 5.73 -6.67 -23.55
C PHE B 62 6.31 -5.33 -23.99
N THR B 63 6.23 -5.01 -25.29
CA THR B 63 6.75 -3.73 -25.77
C THR B 63 5.93 -2.58 -25.20
N TYR B 64 4.62 -2.77 -25.13
CA TYR B 64 3.66 -1.83 -24.58
C TYR B 64 3.97 -1.53 -23.10
N LYS B 65 4.18 -2.58 -22.31
CA LYS B 65 4.48 -2.46 -20.90
C LYS B 65 5.79 -1.74 -20.68
N VAL B 66 6.85 -2.15 -21.38
CA VAL B 66 8.16 -1.53 -21.23
C VAL B 66 8.16 -0.06 -21.67
N ARG B 67 7.34 0.28 -22.65
CA ARG B 67 7.26 1.64 -23.16
C ARG B 67 6.47 2.59 -22.27
N TYR B 68 5.39 2.12 -21.65
CA TYR B 68 4.53 3.01 -20.88
C TYR B 68 4.53 2.90 -19.36
N THR B 69 5.12 1.85 -18.75
CA THR B 69 5.05 1.67 -17.30
C THR B 69 5.49 2.91 -16.50
N ASN B 70 6.64 3.50 -16.83
CA ASN B 70 7.12 4.69 -16.14
C ASN B 70 6.94 5.87 -17.08
N SER B 71 5.68 6.27 -17.29
CA SER B 71 5.38 7.36 -18.21
C SER B 71 4.42 8.38 -17.59
N SER B 72 4.84 9.64 -17.54
CA SER B 72 4.04 10.74 -17.02
C SER B 72 2.87 11.12 -17.94
N THR B 73 2.99 10.81 -19.24
CA THR B 73 1.98 11.11 -20.26
C THR B 73 0.80 10.14 -20.29
N GLU B 74 -0.27 10.51 -21.01
CA GLU B 74 -1.43 9.67 -21.19
C GLU B 74 -1.05 8.36 -21.87
N ILE B 75 -1.67 7.28 -21.42
CA ILE B 75 -1.39 5.95 -21.92
C ILE B 75 -2.56 5.45 -22.74
N PRO B 76 -2.29 4.94 -23.95
CA PRO B 76 -3.37 4.40 -24.78
C PRO B 76 -3.87 3.05 -24.27
N GLU B 77 -5.09 2.70 -24.67
CA GLU B 77 -5.71 1.44 -24.30
C GLU B 77 -5.00 0.27 -24.96
N PHE B 78 -4.81 -0.85 -24.24
CA PHE B 78 -4.23 -2.04 -24.86
C PHE B 78 -5.41 -2.77 -25.48
N PRO B 79 -5.49 -2.84 -26.82
CA PRO B 79 -6.65 -3.48 -27.44
C PRO B 79 -6.60 -4.99 -27.39
N ILE B 80 -7.75 -5.62 -27.13
CA ILE B 80 -7.87 -7.06 -27.10
C ILE B 80 -9.16 -7.43 -27.80
N ALA B 81 -9.07 -8.12 -28.94
CA ALA B 81 -10.25 -8.55 -29.67
C ALA B 81 -11.03 -9.56 -28.86
N PRO B 82 -12.36 -9.55 -28.96
CA PRO B 82 -13.17 -10.50 -28.18
C PRO B 82 -12.80 -11.98 -28.35
N GLU B 83 -12.46 -12.41 -29.57
CA GLU B 83 -12.12 -13.79 -29.88
C GLU B 83 -10.85 -14.28 -29.20
N ILE B 84 -9.90 -13.39 -28.98
CA ILE B 84 -8.63 -13.77 -28.34
C ILE B 84 -8.62 -13.60 -26.83
N ALA B 85 -9.62 -12.92 -26.25
CA ALA B 85 -9.72 -12.63 -24.83
C ALA B 85 -9.57 -13.85 -23.90
N LEU B 86 -10.32 -14.93 -24.14
CA LEU B 86 -10.23 -16.10 -23.28
C LEU B 86 -8.89 -16.79 -23.31
N GLU B 87 -8.31 -16.96 -24.51
CA GLU B 87 -7.01 -17.62 -24.61
C GLU B 87 -5.89 -16.74 -24.11
N LEU B 88 -5.98 -15.42 -24.38
CA LEU B 88 -4.97 -14.48 -23.91
C LEU B 88 -4.96 -14.45 -22.39
N LEU B 89 -6.14 -14.52 -21.75
CA LEU B 89 -6.30 -14.54 -20.31
C LEU B 89 -5.57 -15.73 -19.71
N MET B 90 -5.74 -16.91 -20.30
CA MET B 90 -5.10 -18.13 -19.82
C MET B 90 -3.59 -18.07 -20.05
N ALA B 91 -3.17 -17.49 -21.17
CA ALA B 91 -1.74 -17.33 -21.45
C ALA B 91 -1.14 -16.34 -20.44
N ALA B 92 -1.84 -15.25 -20.17
CA ALA B 92 -1.40 -14.24 -19.21
C ALA B 92 -1.36 -14.81 -17.81
N ASN B 93 -2.32 -15.66 -17.46
CA ASN B 93 -2.36 -16.28 -16.14
C ASN B 93 -1.16 -17.19 -15.92
N PHE B 94 -0.75 -17.93 -16.95
CA PHE B 94 0.38 -18.83 -16.86
C PHE B 94 1.71 -18.06 -16.85
N LEU B 95 1.79 -17.02 -17.65
CA LEU B 95 3.02 -16.22 -17.76
C LEU B 95 3.22 -15.22 -16.63
N ASP B 96 2.19 -14.97 -15.80
CA ASP B 96 2.26 -14.01 -14.69
C ASP B 96 2.58 -12.61 -15.24
N CYS B 97 1.78 -12.18 -16.21
CA CYS B 97 1.93 -10.91 -16.90
C CYS B 97 1.01 -9.83 -16.40
N PRO C 10 -13.09 6.94 10.15
CA PRO C 10 -12.83 7.74 8.95
C PRO C 10 -11.45 8.38 8.94
N VAL C 11 -10.39 7.57 8.77
CA VAL C 11 -9.02 8.10 8.73
C VAL C 11 -8.71 8.70 7.35
N LEU C 12 -9.24 8.08 6.29
CA LEU C 12 -9.04 8.55 4.92
C LEU C 12 -10.26 9.40 4.52
N ARG C 13 -10.26 10.68 4.87
CA ARG C 13 -11.37 11.57 4.58
C ARG C 13 -10.86 12.97 4.14
N SER C 14 -11.76 13.81 3.61
CA SER C 14 -11.39 15.17 3.22
C SER C 14 -11.34 16.03 4.47
N VAL C 15 -10.36 16.94 4.54
CA VAL C 15 -10.26 17.87 5.66
C VAL C 15 -11.27 18.99 5.41
N ASN C 16 -12.00 19.43 6.45
CA ASN C 16 -12.96 20.52 6.26
C ASN C 16 -12.31 21.86 6.50
N SER C 17 -11.71 22.44 5.46
CA SER C 17 -11.04 23.73 5.60
C SER C 17 -11.83 24.92 5.07
N ARG C 18 -12.87 24.69 4.24
CA ARG C 18 -13.70 25.73 3.63
C ARG C 18 -12.90 26.72 2.74
N GLU C 19 -11.63 26.42 2.47
CA GLU C 19 -10.77 27.24 1.62
C GLU C 19 -10.89 26.78 0.19
N PRO C 20 -11.49 27.59 -0.69
CA PRO C 20 -11.65 27.18 -2.09
C PRO C 20 -10.34 26.91 -2.83
N SER C 21 -10.37 25.92 -3.72
CA SER C 21 -9.27 25.51 -4.56
C SER C 21 -9.85 25.18 -5.91
N GLN C 22 -9.48 25.96 -6.93
CA GLN C 22 -9.97 25.75 -8.29
C GLN C 22 -9.14 24.66 -8.96
N VAL C 23 -9.78 23.58 -9.39
CA VAL C 23 -9.11 22.46 -10.01
C VAL C 23 -9.60 22.25 -11.45
N ILE C 24 -8.81 21.57 -12.27
CA ILE C 24 -9.19 21.23 -13.63
C ILE C 24 -9.08 19.72 -13.80
N PHE C 25 -10.20 19.05 -14.07
CA PHE C 25 -10.21 17.61 -14.26
C PHE C 25 -10.02 17.27 -15.72
N CYS C 26 -8.78 17.01 -16.17
CA CYS C 26 -8.57 16.65 -17.57
C CYS C 26 -8.53 15.15 -17.75
N ASN C 27 -9.48 14.59 -18.48
CA ASN C 27 -9.53 13.15 -18.73
C ASN C 27 -8.75 12.75 -19.98
N ARG C 28 -7.48 12.39 -19.80
CA ARG C 28 -6.64 11.94 -20.91
C ARG C 28 -6.60 10.43 -20.94
N SER C 29 -7.77 9.82 -21.11
CA SER C 29 -7.89 8.37 -21.15
C SER C 29 -9.04 7.97 -22.08
N PRO C 30 -8.99 6.75 -22.65
CA PRO C 30 -10.10 6.30 -23.50
C PRO C 30 -11.37 5.93 -22.73
N ARG C 31 -11.37 6.05 -21.39
CA ARG C 31 -12.52 5.67 -20.58
C ARG C 31 -13.38 6.84 -20.15
N VAL C 32 -14.66 6.56 -19.87
CA VAL C 32 -15.58 7.51 -19.28
C VAL C 32 -15.19 7.52 -17.81
N VAL C 33 -14.72 8.65 -17.30
CA VAL C 33 -14.25 8.72 -15.92
C VAL C 33 -15.33 9.12 -14.93
N LEU C 34 -15.33 8.48 -13.77
CA LEU C 34 -16.23 8.78 -12.68
C LEU C 34 -15.39 9.33 -11.53
N PRO C 35 -15.35 10.67 -11.38
CA PRO C 35 -14.60 11.23 -10.25
C PRO C 35 -15.32 10.94 -8.93
N VAL C 36 -14.55 10.65 -7.89
CA VAL C 36 -15.11 10.29 -6.59
C VAL C 36 -14.49 11.13 -5.50
N TRP C 37 -15.32 11.93 -4.85
CA TRP C 37 -14.87 12.76 -3.75
C TRP C 37 -15.11 11.99 -2.45
N LEU C 38 -14.14 11.95 -1.53
CA LEU C 38 -14.33 11.28 -0.25
C LEU C 38 -14.86 12.27 0.76
N ASN C 39 -16.11 12.10 1.25
CA ASN C 39 -16.68 13.13 2.11
C ASN C 39 -16.03 13.19 3.51
N PHE C 40 -16.49 14.12 4.36
CA PHE C 40 -15.92 14.34 5.67
C PHE C 40 -16.02 13.11 6.58
N ASP C 41 -16.98 12.23 6.31
CA ASP C 41 -17.12 10.97 7.05
C ASP C 41 -16.39 9.80 6.36
N GLY C 42 -15.66 10.07 5.28
CA GLY C 42 -14.92 9.06 4.53
C GLY C 42 -15.72 8.32 3.47
N GLU C 43 -16.99 8.70 3.25
CA GLU C 43 -17.82 8.03 2.26
C GLU C 43 -17.55 8.45 0.81
N PRO C 44 -17.43 7.48 -0.10
CA PRO C 44 -17.20 7.82 -1.51
C PRO C 44 -18.43 8.48 -2.13
N GLN C 45 -18.25 9.67 -2.69
CA GLN C 45 -19.32 10.45 -3.29
C GLN C 45 -19.05 10.66 -4.78
N PRO C 46 -19.86 10.02 -5.64
CA PRO C 46 -19.64 10.16 -7.08
C PRO C 46 -20.11 11.48 -7.67
N TYR C 47 -19.26 12.07 -8.51
CA TYR C 47 -19.53 13.34 -9.19
C TYR C 47 -19.87 13.11 -10.69
N PRO C 48 -20.31 14.14 -11.46
CA PRO C 48 -20.66 13.90 -12.87
C PRO C 48 -19.54 13.29 -13.72
N THR C 49 -19.89 12.30 -14.56
CA THR C 49 -18.91 11.60 -15.40
C THR C 49 -18.31 12.42 -16.52
N LEU C 50 -17.00 12.24 -16.75
CA LEU C 50 -16.26 12.91 -17.81
C LEU C 50 -16.16 12.03 -19.03
N PRO C 51 -16.68 12.49 -20.18
CA PRO C 51 -16.56 11.70 -21.41
C PRO C 51 -15.11 11.46 -21.84
N PRO C 52 -14.88 10.42 -22.65
CA PRO C 52 -13.50 10.12 -23.09
C PRO C 52 -12.82 11.25 -23.87
N GLY C 53 -11.96 12.00 -23.20
CA GLY C 53 -11.22 13.08 -23.86
C GLY C 53 -11.47 14.48 -23.34
N THR C 54 -12.59 14.67 -22.64
CA THR C 54 -13.02 15.96 -22.11
C THR C 54 -12.26 16.40 -20.83
N GLY C 55 -12.48 17.64 -20.40
CA GLY C 55 -11.89 18.20 -19.21
C GLY C 55 -12.74 19.36 -18.72
N ARG C 56 -12.93 19.47 -17.40
CA ARG C 56 -13.76 20.54 -16.85
C ARG C 56 -13.08 21.28 -15.75
N ARG C 57 -13.37 22.58 -15.61
CA ARG C 57 -12.84 23.38 -14.52
C ARG C 57 -13.82 23.21 -13.37
N ILE C 58 -13.37 22.63 -12.25
CA ILE C 58 -14.20 22.35 -11.10
C ILE C 58 -13.79 23.14 -9.87
N HIS C 59 -14.74 23.34 -8.96
CA HIS C 59 -14.49 24.04 -7.72
C HIS C 59 -14.43 23.03 -6.58
N SER C 60 -13.28 22.93 -5.96
CA SER C 60 -13.09 22.04 -4.81
C SER C 60 -12.46 22.89 -3.68
N TYR C 61 -11.83 22.26 -2.67
CA TYR C 61 -11.23 22.98 -1.56
C TYR C 61 -9.89 22.35 -1.18
N ARG C 62 -9.02 23.13 -0.52
CA ARG C 62 -7.72 22.63 -0.05
C ARG C 62 -7.95 21.50 0.96
N GLY C 63 -7.21 20.41 0.84
CA GLY C 63 -7.34 19.30 1.76
C GLY C 63 -8.34 18.21 1.40
N HIS C 64 -9.16 18.43 0.37
CA HIS C 64 -10.15 17.42 -0.02
C HIS C 64 -9.49 16.22 -0.73
N LEU C 65 -10.15 15.06 -0.70
CA LEU C 65 -9.58 13.85 -1.32
C LEU C 65 -10.41 13.35 -2.49
N TRP C 66 -9.76 13.20 -3.65
CA TRP C 66 -10.43 12.72 -4.84
C TRP C 66 -9.79 11.45 -5.37
N LEU C 67 -10.58 10.62 -6.01
CA LEU C 67 -10.12 9.38 -6.60
C LEU C 67 -10.90 9.14 -7.90
N PHE C 68 -10.25 8.62 -8.94
CA PHE C 68 -10.91 8.46 -10.23
C PHE C 68 -10.94 7.03 -10.72
N ARG C 69 -12.10 6.59 -11.17
CA ARG C 69 -12.32 5.24 -11.66
C ARG C 69 -13.07 5.25 -12.99
N ASP C 70 -13.12 4.10 -13.67
CA ASP C 70 -13.92 3.95 -14.89
C ASP C 70 -15.38 3.97 -14.44
N ALA C 71 -16.20 4.81 -15.06
CA ALA C 71 -17.60 4.96 -14.66
C ALA C 71 -18.46 3.70 -14.79
N GLY C 72 -18.10 2.81 -15.71
CA GLY C 72 -18.90 1.61 -15.93
C GLY C 72 -18.42 0.33 -15.28
N THR C 73 -17.12 0.26 -14.99
CA THR C 73 -16.52 -0.96 -14.41
C THR C 73 -15.72 -0.73 -13.12
N HIS C 74 -15.56 0.53 -12.71
CA HIS C 74 -14.79 0.90 -11.55
C HIS C 74 -13.33 0.51 -11.62
N ASP C 75 -12.79 0.32 -12.84
CA ASP C 75 -11.36 0.03 -13.02
C ASP C 75 -10.57 1.23 -12.49
N GLY C 76 -9.46 0.97 -11.82
CA GLY C 76 -8.66 2.04 -11.25
C GLY C 76 -7.99 2.91 -12.30
N LEU C 77 -7.93 4.20 -12.03
CA LEU C 77 -7.26 5.15 -12.92
C LEU C 77 -6.28 6.00 -12.14
N LEU C 78 -5.33 6.60 -12.82
CA LEU C 78 -4.35 7.45 -12.16
C LEU C 78 -4.70 8.92 -12.30
N VAL C 79 -4.27 9.72 -11.34
CA VAL C 79 -4.46 11.16 -11.37
C VAL C 79 -3.10 11.74 -11.00
N ASN C 80 -2.42 12.36 -11.98
CA ASN C 80 -1.06 12.88 -11.80
C ASN C 80 -0.10 11.77 -11.34
N GLN C 81 -0.28 10.55 -11.89
CA GLN C 81 0.52 9.37 -11.59
C GLN C 81 0.19 8.70 -10.26
N THR C 82 -0.39 9.42 -9.30
CA THR C 82 -0.75 8.84 -8.00
C THR C 82 -2.17 8.22 -8.04
N GLU C 83 -2.60 7.63 -6.91
CA GLU C 83 -3.93 7.03 -6.79
C GLU C 83 -4.93 8.08 -6.31
N LEU C 84 -4.52 8.99 -5.40
CA LEU C 84 -5.39 10.02 -4.86
C LEU C 84 -4.93 11.43 -5.21
N PHE C 85 -5.90 12.32 -5.44
CA PHE C 85 -5.63 13.72 -5.76
C PHE C 85 -6.11 14.62 -4.63
N VAL C 86 -5.23 15.49 -4.13
CA VAL C 86 -5.60 16.42 -3.06
C VAL C 86 -5.38 17.85 -3.55
N PRO C 87 -6.48 18.61 -3.78
CA PRO C 87 -6.33 20.01 -4.24
C PRO C 87 -5.51 20.84 -3.26
N SER C 88 -4.51 21.55 -3.77
CA SER C 88 -3.64 22.37 -2.92
C SER C 88 -4.01 23.89 -2.97
N LEU C 89 -3.12 24.80 -2.58
CA LEU C 89 -3.43 26.24 -2.62
C LEU C 89 -3.14 26.81 -4.01
N ASN C 90 -4.09 27.56 -4.58
CA ASN C 90 -3.93 28.14 -5.90
C ASN C 90 -2.90 29.28 -5.86
N VAL C 91 -1.65 28.99 -6.24
CA VAL C 91 -0.60 30.02 -6.25
C VAL C 91 -0.93 31.12 -7.25
N ASP C 92 -1.38 32.28 -6.73
CA ASP C 92 -1.79 33.44 -7.53
C ASP C 92 -2.99 33.15 -8.43
N GLY C 93 -3.90 32.31 -7.95
CA GLY C 93 -5.11 31.96 -8.68
C GLY C 93 -4.92 30.92 -9.76
N GLN C 94 -3.75 30.25 -9.80
CA GLN C 94 -3.49 29.26 -10.83
C GLN C 94 -4.26 27.94 -10.58
N PRO C 95 -5.11 27.54 -11.54
CA PRO C 95 -5.86 26.29 -11.38
C PRO C 95 -4.94 25.08 -11.29
N ILE C 96 -5.23 24.17 -10.36
CA ILE C 96 -4.45 22.95 -10.17
C ILE C 96 -4.91 21.90 -11.16
N PHE C 97 -3.98 21.27 -11.88
CA PHE C 97 -4.31 20.29 -12.89
C PHE C 97 -4.39 18.85 -12.35
N ALA C 98 -5.49 18.15 -12.68
CA ALA C 98 -5.69 16.76 -12.30
C ALA C 98 -5.74 15.93 -13.57
N ASN C 99 -4.59 15.44 -14.02
CA ASN C 99 -4.52 14.64 -15.23
C ASN C 99 -4.88 13.20 -14.96
N ILE C 100 -6.00 12.78 -15.52
CA ILE C 100 -6.53 11.43 -15.36
C ILE C 100 -6.06 10.53 -16.49
N THR C 101 -5.21 9.56 -16.18
CA THR C 101 -4.67 8.65 -17.19
C THR C 101 -4.91 7.19 -16.83
N LEU C 102 -4.89 6.34 -17.84
CA LEU C 102 -5.02 4.91 -17.67
C LEU C 102 -3.66 4.42 -17.15
N PRO C 103 -3.62 3.49 -16.18
CA PRO C 103 -2.32 2.95 -15.76
C PRO C 103 -1.91 1.83 -16.73
N VAL C 104 -0.72 1.26 -16.54
CA VAL C 104 -0.33 0.12 -17.34
C VAL C 104 -0.83 -1.08 -16.62
N TYR C 105 -2.06 -1.52 -16.94
CA TYR C 105 -2.62 -2.71 -16.32
C TYR C 105 -1.78 -3.93 -16.70
N THR C 106 -1.82 -4.97 -15.87
CA THR C 106 -1.15 -6.22 -16.21
C THR C 106 -1.95 -6.87 -17.37
N LEU C 107 -1.33 -7.71 -18.20
CA LEU C 107 -2.04 -8.36 -19.30
C LEU C 107 -3.20 -9.22 -18.77
N LYS C 108 -2.99 -9.87 -17.61
CA LYS C 108 -4.00 -10.69 -16.95
C LYS C 108 -5.19 -9.80 -16.58
N GLU C 109 -4.93 -8.68 -15.90
CA GLU C 109 -5.97 -7.74 -15.52
C GLU C 109 -6.66 -7.15 -16.72
N ARG C 110 -5.90 -6.86 -17.77
CA ARG C 110 -6.45 -6.32 -18.99
C ARG C 110 -7.42 -7.31 -19.64
N CYS C 111 -7.09 -8.60 -19.62
CA CYS C 111 -7.95 -9.64 -20.18
C CYS C 111 -9.19 -9.82 -19.34
N LEU C 112 -9.07 -9.75 -18.01
CA LEU C 112 -10.22 -9.85 -17.12
C LEU C 112 -11.20 -8.71 -17.39
N GLN C 113 -10.69 -7.50 -17.67
CA GLN C 113 -11.55 -6.35 -17.98
C GLN C 113 -12.34 -6.61 -19.25
N VAL C 114 -11.68 -7.12 -20.30
CA VAL C 114 -12.33 -7.41 -21.57
C VAL C 114 -13.37 -8.50 -21.44
N VAL C 115 -13.04 -9.59 -20.72
CA VAL C 115 -13.97 -10.68 -20.53
C VAL C 115 -15.19 -10.22 -19.75
N ARG C 116 -15.01 -9.50 -18.62
CA ARG C 116 -16.11 -8.99 -17.80
C ARG C 116 -17.04 -8.11 -18.63
N SER C 117 -16.47 -7.29 -19.50
CA SER C 117 -17.25 -6.41 -20.36
C SER C 117 -18.05 -7.17 -21.44
N LEU C 118 -17.72 -8.45 -21.68
CA LEU C 118 -18.39 -9.26 -22.69
C LEU C 118 -19.36 -10.29 -22.10
N VAL C 119 -19.02 -10.88 -20.95
CA VAL C 119 -19.82 -11.93 -20.34
C VAL C 119 -20.62 -11.44 -19.12
N LYS C 120 -21.89 -11.85 -19.02
CA LYS C 120 -22.72 -11.50 -17.87
C LYS C 120 -22.19 -12.22 -16.63
N PRO C 121 -22.21 -11.58 -15.45
CA PRO C 121 -21.69 -12.24 -14.24
C PRO C 121 -22.30 -13.60 -13.96
N GLU C 122 -23.55 -13.79 -14.35
CA GLU C 122 -24.27 -15.06 -14.22
C GLU C 122 -23.68 -16.16 -15.14
N ASN C 123 -22.87 -15.80 -16.13
CA ASN C 123 -22.30 -16.74 -17.08
C ASN C 123 -20.81 -16.97 -16.94
N TYR C 124 -20.14 -16.43 -15.89
CA TYR C 124 -18.69 -16.65 -15.73
C TYR C 124 -18.39 -18.14 -15.57
N ARG C 125 -19.25 -18.85 -14.84
CA ARG C 125 -19.10 -20.29 -14.61
C ARG C 125 -19.22 -21.14 -15.87
N ARG C 126 -19.75 -20.57 -16.97
CA ARG C 126 -19.86 -21.28 -18.24
C ARG C 126 -18.61 -21.16 -19.11
N LEU C 127 -17.65 -20.31 -18.72
CA LEU C 127 -16.41 -20.15 -19.45
C LEU C 127 -15.53 -21.36 -19.19
N ASP C 128 -14.83 -21.83 -20.22
CA ASP C 128 -13.98 -23.01 -20.08
C ASP C 128 -12.57 -22.62 -19.59
N ILE C 129 -12.48 -22.14 -18.34
CA ILE C 129 -11.20 -21.71 -17.76
C ILE C 129 -10.97 -22.34 -16.38
N VAL C 130 -9.72 -22.24 -15.89
CA VAL C 130 -9.30 -22.72 -14.57
C VAL C 130 -10.21 -22.17 -13.47
N ARG C 131 -10.33 -22.91 -12.37
CA ARG C 131 -11.14 -22.49 -11.23
C ARG C 131 -10.61 -21.17 -10.65
N SER C 132 -9.29 -20.96 -10.66
CA SER C 132 -8.69 -19.75 -10.13
C SER C 132 -9.05 -18.52 -10.94
N LEU C 133 -9.16 -18.66 -12.26
CA LEU C 133 -9.56 -17.53 -13.12
C LEU C 133 -11.02 -17.16 -12.92
N TYR C 134 -11.86 -18.12 -12.50
CA TYR C 134 -13.26 -17.87 -12.20
C TYR C 134 -13.35 -16.90 -11.01
N GLU C 135 -12.50 -17.13 -9.99
CA GLU C 135 -12.44 -16.30 -8.80
C GLU C 135 -11.97 -14.89 -9.15
N ASP C 136 -10.96 -14.80 -10.01
CA ASP C 136 -10.41 -13.52 -10.44
C ASP C 136 -11.42 -12.68 -11.22
N LEU C 137 -12.31 -13.32 -11.97
CA LEU C 137 -13.35 -12.63 -12.72
C LEU C 137 -14.38 -12.03 -11.78
N GLU C 138 -14.87 -12.83 -10.82
CA GLU C 138 -15.86 -12.38 -9.83
C GLU C 138 -15.28 -11.34 -8.88
N ASP C 139 -13.95 -11.25 -8.75
CA ASP C 139 -13.30 -10.26 -7.90
C ASP C 139 -13.20 -8.94 -8.65
N HIS C 140 -14.36 -8.36 -8.97
N HIS C 140 -14.36 -8.35 -8.96
CA HIS C 140 -14.47 -7.12 -9.72
CA HIS C 140 -14.52 -7.10 -9.68
C HIS C 140 -13.84 -5.94 -8.98
C HIS C 140 -13.83 -5.94 -8.97
N PRO C 141 -13.34 -4.93 -9.70
CA PRO C 141 -12.73 -3.77 -9.05
C PRO C 141 -13.79 -3.06 -8.20
N ASN C 142 -13.45 -2.79 -6.95
CA ASN C 142 -14.41 -2.26 -6.00
C ASN C 142 -13.89 -1.03 -5.26
N VAL C 143 -14.67 0.05 -5.22
CA VAL C 143 -14.29 1.31 -4.59
C VAL C 143 -14.18 1.19 -3.08
N GLN C 144 -15.16 0.56 -2.42
CA GLN C 144 -15.14 0.38 -0.96
C GLN C 144 -13.94 -0.46 -0.56
N LYS C 145 -13.61 -1.50 -1.35
CA LYS C 145 -12.47 -2.36 -1.10
C LYS C 145 -11.17 -1.57 -1.18
N ASP C 146 -11.04 -0.74 -2.22
CA ASP C 146 -9.88 0.11 -2.41
C ASP C 146 -9.76 1.13 -1.30
N LEU C 147 -10.89 1.64 -0.81
CA LEU C 147 -10.90 2.60 0.26
C LEU C 147 -10.45 1.96 1.53
N GLU C 148 -10.94 0.74 1.83
CA GLU C 148 -10.50 -0.01 3.00
C GLU C 148 -9.00 -0.24 2.97
N ARG C 149 -8.44 -0.43 1.76
CA ARG C 149 -7.02 -0.59 1.55
C ARG C 149 -6.28 0.71 1.86
N LEU C 150 -6.64 1.82 1.18
CA LEU C 150 -5.99 3.11 1.37
C LEU C 150 -6.09 3.57 2.82
N THR C 151 -7.23 3.30 3.47
CA THR C 151 -7.45 3.65 4.87
C THR C 151 -6.48 2.85 5.73
N GLN C 152 -6.36 1.56 5.47
CA GLN C 152 -5.44 0.71 6.22
C GLN C 152 -3.97 1.07 5.97
N GLU C 153 -3.66 1.62 4.79
CA GLU C 153 -2.31 2.06 4.46
C GLU C 153 -2.01 3.36 5.21
N ARG C 154 -2.98 4.28 5.31
CA ARG C 154 -2.84 5.51 6.06
C ARG C 154 -2.69 5.21 7.56
N ILE C 155 -3.40 4.20 8.05
CA ILE C 155 -3.31 3.74 9.44
C ILE C 155 -1.92 3.13 9.70
N ALA C 156 -1.37 2.40 8.72
CA ALA C 156 -0.04 1.81 8.83
C ALA C 156 1.03 2.90 8.89
N HIS C 157 0.87 3.98 8.12
CA HIS C 157 1.82 5.11 8.16
C HIS C 157 1.71 5.89 9.48
N GLN C 158 0.51 5.92 10.08
CA GLN C 158 0.22 6.53 11.36
C GLN C 158 0.78 5.71 12.55
N ARG C 159 1.16 4.44 12.31
CA ARG C 159 1.71 3.53 13.30
C ARG C 159 3.23 3.36 13.12
N MET C 160 3.70 3.37 11.87
CA MET C 160 5.13 3.20 11.56
C MET C 160 5.79 4.54 11.25
N GLY C 161 7.03 4.70 11.71
CA GLY C 161 7.84 5.91 11.55
C GLY C 161 7.84 6.57 10.19
N ASP C 162 8.42 5.88 9.18
CA ASP C 162 8.51 6.34 7.79
C ASP C 162 9.28 7.65 7.64
N MET D 1 28.88 3.25 19.94
CA MET D 1 29.89 4.27 19.64
C MET D 1 29.32 5.66 19.91
N ASP D 2 28.10 5.94 19.46
CA ASP D 2 27.48 7.24 19.70
C ASP D 2 26.91 7.29 21.08
N VAL D 3 27.01 8.44 21.69
CA VAL D 3 26.48 8.74 23.01
C VAL D 3 25.47 9.86 22.83
N PHE D 4 24.35 9.80 23.55
CA PHE D 4 23.29 10.79 23.41
C PHE D 4 23.14 11.63 24.65
N LEU D 5 23.33 12.92 24.48
CA LEU D 5 23.35 13.85 25.58
C LEU D 5 22.27 14.91 25.57
N MET D 6 22.06 15.47 26.77
CA MET D 6 21.16 16.55 27.09
C MET D 6 22.03 17.54 27.89
N ILE D 7 22.67 18.51 27.22
CA ILE D 7 23.51 19.50 27.90
C ILE D 7 22.60 20.54 28.54
N ARG D 8 22.59 20.63 29.87
CA ARG D 8 21.65 21.50 30.55
C ARG D 8 22.22 22.60 31.43
N ARG D 9 21.62 23.79 31.32
CA ARG D 9 21.95 24.99 32.10
C ARG D 9 20.74 25.91 32.17
N HIS D 10 20.33 26.30 33.39
CA HIS D 10 19.20 27.18 33.65
C HIS D 10 17.94 26.53 33.07
N LYS D 11 17.12 27.23 32.27
CA LYS D 11 15.99 26.58 31.61
C LYS D 11 16.35 26.17 30.16
N THR D 12 17.65 26.09 29.84
CA THR D 12 18.13 25.72 28.53
C THR D 12 18.60 24.27 28.57
N THR D 13 18.27 23.52 27.53
CA THR D 13 18.63 22.11 27.41
C THR D 13 18.93 21.80 25.95
N ILE D 14 20.15 21.35 25.66
CA ILE D 14 20.58 21.03 24.30
C ILE D 14 20.62 19.52 24.09
N PHE D 15 19.96 19.05 23.03
CA PHE D 15 19.98 17.64 22.67
C PHE D 15 20.99 17.46 21.56
N THR D 16 22.05 16.71 21.83
CA THR D 16 23.08 16.44 20.84
C THR D 16 23.72 15.08 21.09
N ASP D 17 24.38 14.53 20.09
CA ASP D 17 25.09 13.28 20.18
C ASP D 17 26.58 13.51 19.87
N ALA D 18 27.42 12.56 20.25
CA ALA D 18 28.86 12.60 20.03
C ALA D 18 29.42 11.18 20.17
N LYS D 19 30.68 10.95 19.79
CA LYS D 19 31.28 9.63 19.93
C LYS D 19 31.74 9.42 21.37
N GLU D 20 31.79 8.17 21.81
CA GLU D 20 32.29 7.82 23.14
C GLU D 20 33.78 8.24 23.28
N SER D 21 34.53 8.21 22.17
CA SER D 21 35.93 8.61 22.08
C SER D 21 36.12 10.13 21.92
N SER D 22 35.03 10.89 21.72
CA SER D 22 35.12 12.34 21.61
C SER D 22 35.48 12.94 22.97
N THR D 23 36.12 14.11 22.99
CA THR D 23 36.58 14.71 24.24
C THR D 23 35.62 15.73 24.81
N VAL D 24 35.72 15.97 26.14
CA VAL D 24 34.95 17.00 26.84
C VAL D 24 35.14 18.37 26.18
N PHE D 25 36.38 18.64 25.73
CA PHE D 25 36.67 19.90 25.06
C PHE D 25 35.86 20.05 23.77
N GLU D 26 35.76 18.98 22.97
CA GLU D 26 34.99 19.02 21.73
C GLU D 26 33.50 19.27 21.97
N LEU D 27 32.99 18.85 23.13
CA LEU D 27 31.61 19.09 23.51
C LEU D 27 31.41 20.58 23.79
N LYS D 28 32.38 21.23 24.45
CA LYS D 28 32.36 22.67 24.70
C LYS D 28 32.32 23.42 23.37
N ARG D 29 32.96 22.87 22.32
CA ARG D 29 32.97 23.44 20.99
C ARG D 29 31.58 23.44 20.40
N ILE D 30 30.86 22.31 20.52
CA ILE D 30 29.48 22.21 20.04
C ILE D 30 28.59 23.23 20.75
N VAL D 31 28.82 23.42 22.06
CA VAL D 31 28.09 24.40 22.85
C VAL D 31 28.39 25.80 22.34
N GLU D 32 29.65 26.08 22.02
CA GLU D 32 30.07 27.38 21.51
C GLU D 32 29.31 27.77 20.26
N GLY D 33 29.17 26.84 19.33
CA GLY D 33 28.43 27.10 18.10
C GLY D 33 26.98 27.45 18.37
N ILE D 34 26.37 26.79 19.34
CA ILE D 34 24.98 27.01 19.69
C ILE D 34 24.74 28.24 20.58
N LEU D 35 25.26 28.24 21.82
CA LEU D 35 25.07 29.33 22.76
C LEU D 35 26.07 30.48 22.64
N LYS D 36 26.91 30.46 21.59
CA LYS D 36 27.91 31.50 21.32
C LYS D 36 28.76 31.84 22.53
N ARG D 37 29.50 30.86 23.07
CA ARG D 37 30.34 31.05 24.25
C ARG D 37 31.61 30.22 24.12
N PRO D 38 32.78 30.86 24.22
CA PRO D 38 34.05 30.10 24.07
C PRO D 38 34.27 29.02 25.11
N PRO D 39 34.90 27.90 24.71
CA PRO D 39 35.13 26.78 25.65
C PRO D 39 35.73 27.16 27.00
N ASP D 40 36.67 28.11 27.01
CA ASP D 40 37.30 28.58 28.24
C ASP D 40 36.32 29.27 29.20
N GLU D 41 35.19 29.75 28.71
CA GLU D 41 34.17 30.38 29.54
C GLU D 41 33.07 29.44 30.02
N GLN D 42 33.18 28.13 29.71
CA GLN D 42 32.17 27.17 30.12
C GLN D 42 32.77 26.00 30.87
N ARG D 43 31.98 25.44 31.80
CA ARG D 43 32.38 24.28 32.60
C ARG D 43 31.34 23.20 32.43
N LEU D 44 31.77 21.97 32.17
CA LEU D 44 30.84 20.86 31.99
C LEU D 44 30.90 19.90 33.15
N TYR D 45 29.74 19.55 33.70
CA TYR D 45 29.66 18.67 34.86
C TYR D 45 28.95 17.36 34.56
N LYS D 46 29.05 16.42 35.51
CA LYS D 46 28.34 15.15 35.46
C LYS D 46 27.96 14.86 36.91
N ASP D 47 26.78 15.33 37.32
CA ASP D 47 26.27 15.15 38.68
C ASP D 47 27.18 15.85 39.70
N ASP D 48 27.45 17.13 39.46
CA ASP D 48 28.29 18.03 40.26
C ASP D 48 29.76 17.54 40.33
N GLN D 49 30.24 16.96 39.24
CA GLN D 49 31.62 16.51 39.12
C GLN D 49 32.22 17.20 37.90
N LEU D 50 33.11 18.18 38.11
CA LEU D 50 33.73 18.90 37.01
C LEU D 50 34.53 17.96 36.11
N LEU D 51 34.39 18.12 34.79
CA LEU D 51 35.03 17.23 33.84
C LEU D 51 36.26 17.85 33.19
N ASP D 52 37.30 17.04 32.91
CA ASP D 52 38.52 17.56 32.27
C ASP D 52 38.38 17.53 30.76
N ASP D 53 38.77 18.63 30.10
CA ASP D 53 38.70 18.78 28.65
C ASP D 53 39.43 17.72 27.84
N GLY D 54 40.48 17.16 28.41
CA GLY D 54 41.27 16.13 27.74
C GLY D 54 40.66 14.75 27.81
N LYS D 55 39.69 14.55 28.70
CA LYS D 55 39.03 13.26 28.88
C LYS D 55 37.99 12.98 27.80
N THR D 56 37.88 11.71 27.41
CA THR D 56 36.85 11.31 26.46
C THR D 56 35.54 11.20 27.23
N LEU D 57 34.42 11.31 26.51
CA LEU D 57 33.10 11.13 27.12
C LEU D 57 32.97 9.72 27.71
N GLY D 58 33.60 8.74 27.06
CA GLY D 58 33.66 7.36 27.53
C GLY D 58 34.27 7.29 28.91
N GLU D 59 35.44 7.92 29.08
CA GLU D 59 36.13 7.98 30.37
C GLU D 59 35.28 8.68 31.42
N CYS D 60 34.56 9.73 31.02
CA CYS D 60 33.69 10.47 31.92
C CYS D 60 32.43 9.72 32.35
N GLY D 61 32.22 8.51 31.86
CA GLY D 61 31.06 7.73 32.23
C GLY D 61 29.92 7.74 31.23
N PHE D 62 30.09 8.40 30.07
CA PHE D 62 29.06 8.42 29.05
C PHE D 62 29.29 7.29 28.07
N THR D 63 28.51 6.22 28.18
CA THR D 63 28.61 5.04 27.33
C THR D 63 27.30 4.78 26.58
N SER D 64 27.30 3.86 25.61
CA SER D 64 26.09 3.49 24.89
C SER D 64 25.01 2.92 25.81
N GLN D 65 25.40 2.32 26.93
CA GLN D 65 24.44 1.78 27.89
C GLN D 65 23.92 2.85 28.88
N THR D 66 24.43 4.08 28.82
CA THR D 66 24.00 5.16 29.72
C THR D 66 23.47 6.39 28.99
N ALA D 67 23.96 6.63 27.77
CA ALA D 67 23.55 7.77 26.98
C ALA D 67 22.80 7.23 25.75
N ARG D 68 21.59 6.75 25.98
CA ARG D 68 20.75 6.16 24.94
C ARG D 68 19.82 7.21 24.31
N PRO D 69 19.43 7.06 23.03
CA PRO D 69 18.54 8.06 22.42
C PRO D 69 17.24 8.29 23.18
N GLN D 70 16.60 7.22 23.63
CA GLN D 70 15.36 7.28 24.39
C GLN D 70 15.58 7.75 25.84
N ALA D 71 16.82 7.70 26.34
CA ALA D 71 17.14 8.13 27.68
C ALA D 71 18.55 8.73 27.70
N PRO D 72 18.70 9.94 27.12
CA PRO D 72 20.02 10.58 27.05
C PRO D 72 20.60 10.94 28.40
N ALA D 73 21.94 10.95 28.48
CA ALA D 73 22.64 11.32 29.71
C ALA D 73 22.63 12.84 29.85
N THR D 74 22.65 13.33 31.09
CA THR D 74 22.64 14.78 31.34
C THR D 74 24.02 15.32 31.62
N VAL D 75 24.37 16.46 31.00
CA VAL D 75 25.64 17.14 31.23
C VAL D 75 25.34 18.54 31.75
N GLY D 76 25.85 18.88 32.92
CA GLY D 76 25.66 20.20 33.49
C GLY D 76 26.49 21.24 32.79
N LEU D 77 26.00 22.46 32.70
CA LEU D 77 26.73 23.56 32.08
C LEU D 77 26.70 24.79 33.00
N ALA D 78 27.82 25.50 33.07
CA ALA D 78 27.99 26.71 33.87
C ALA D 78 28.81 27.70 33.04
N PHE D 79 28.37 28.95 32.97
CA PHE D 79 29.03 29.99 32.19
C PHE D 79 29.99 30.89 33.02
N ARG D 80 30.55 31.96 32.41
CA ARG D 80 31.48 32.84 33.13
C ARG D 80 31.17 34.32 33.02
N ALA D 81 30.94 34.95 34.17
CA ALA D 81 30.68 36.38 34.23
C ALA D 81 31.85 37.07 34.89
N ASP D 82 32.56 37.94 34.15
CA ASP D 82 33.73 38.72 34.59
C ASP D 82 34.96 37.82 34.90
N ASP D 83 34.98 37.14 36.07
CA ASP D 83 36.13 36.30 36.43
C ASP D 83 35.68 34.99 37.07
N THR D 84 34.70 35.04 37.97
CA THR D 84 34.22 33.87 38.68
C THR D 84 33.08 33.16 37.95
N PHE D 85 33.20 31.84 37.76
CA PHE D 85 32.19 31.03 37.10
C PHE D 85 30.94 30.95 37.96
N GLU D 86 29.77 31.03 37.33
CA GLU D 86 28.50 30.93 38.04
C GLU D 86 28.30 29.52 38.61
N ALA D 87 27.42 29.38 39.60
CA ALA D 87 27.15 28.09 40.19
C ALA D 87 26.31 27.25 39.23
N LEU D 88 26.53 25.93 39.25
CA LEU D 88 25.76 25.03 38.40
C LEU D 88 24.29 25.03 38.81
N CYS D 89 23.41 25.44 37.90
CA CYS D 89 21.98 25.49 38.19
C CYS D 89 21.18 24.88 37.05
N ILE D 90 20.43 23.82 37.33
CA ILE D 90 19.60 23.18 36.30
C ILE D 90 18.15 23.25 36.72
N GLU D 91 17.34 24.06 36.04
CA GLU D 91 15.91 24.17 36.36
C GLU D 91 15.23 22.86 36.02
N PRO D 92 14.60 22.20 37.00
CA PRO D 92 13.93 20.94 36.71
C PRO D 92 12.72 21.11 35.81
N PHE D 93 12.25 20.01 35.22
CA PHE D 93 11.08 20.05 34.35
C PHE D 93 9.81 20.06 35.20
N SER D 94 8.70 20.50 34.61
CA SER D 94 7.41 20.52 35.29
C SER D 94 6.99 19.11 35.74
N SER D 95 6.05 19.03 36.69
CA SER D 95 5.61 17.74 37.19
C SER D 95 4.31 17.30 36.55
N PRO D 96 4.25 16.04 36.09
CA PRO D 96 3.00 15.55 35.48
C PRO D 96 1.89 15.44 36.52
N PRO D 97 0.62 15.60 36.09
CA PRO D 97 -0.49 15.52 37.04
C PRO D 97 -0.68 14.13 37.67
N GLU D 98 -1.60 14.03 38.64
CA GLU D 98 -1.87 12.78 39.34
C GLU D 98 -2.31 11.68 38.38
N LEU D 99 -1.80 10.46 38.58
CA LEU D 99 -2.11 9.33 37.71
C LEU D 99 -3.60 9.03 37.71
N PRO D 100 -4.23 8.96 36.52
CA PRO D 100 -5.67 8.70 36.46
C PRO D 100 -6.07 7.41 37.15
N ASP D 101 -7.22 7.41 37.83
CA ASP D 101 -7.73 6.26 38.58
C ASP D 101 -7.91 5.01 37.73
N VAL D 102 -8.12 5.18 36.42
CA VAL D 102 -8.26 4.04 35.50
C VAL D 102 -6.92 3.36 35.18
N MET D 103 -5.78 4.01 35.49
CA MET D 103 -4.46 3.45 35.24
C MET D 103 -3.90 2.77 36.48
N MET E 1 20.55 26.93 10.77
CA MET E 1 20.12 25.81 9.92
C MET E 1 20.51 24.45 10.51
N MET E 2 21.61 24.40 11.28
CA MET E 2 22.06 23.15 11.88
C MET E 2 21.19 22.76 13.07
N TYR E 3 20.76 23.75 13.86
CA TYR E 3 19.91 23.52 15.03
C TYR E 3 18.66 24.42 15.05
N VAL E 4 17.67 24.09 15.89
CA VAL E 4 16.43 24.85 16.06
C VAL E 4 16.06 24.90 17.55
N LYS E 5 15.24 25.89 17.94
CA LYS E 5 14.82 26.04 19.32
C LYS E 5 13.33 25.82 19.51
N LEU E 6 12.97 24.87 20.37
CA LEU E 6 11.57 24.57 20.67
C LEU E 6 11.33 25.04 22.09
N ILE E 7 10.35 25.92 22.31
CA ILE E 7 10.11 26.47 23.65
C ILE E 7 8.81 25.96 24.26
N SER E 8 8.91 25.38 25.45
CA SER E 8 7.75 24.85 26.15
C SER E 8 6.85 25.97 26.69
N SER E 9 5.68 25.60 27.21
CA SER E 9 4.73 26.54 27.81
C SER E 9 5.35 27.19 29.04
N ASP E 10 6.07 26.41 29.85
CA ASP E 10 6.71 26.92 31.05
C ASP E 10 8.06 27.61 30.81
N GLY E 11 8.43 27.87 29.57
CA GLY E 11 9.64 28.62 29.26
C GLY E 11 10.94 27.89 28.91
N HIS E 12 11.00 26.57 29.11
CA HIS E 12 12.23 25.83 28.79
C HIS E 12 12.53 25.87 27.30
N GLU E 13 13.81 25.98 26.95
CA GLU E 13 14.24 26.04 25.56
C GLU E 13 15.09 24.83 25.18
N PHE E 14 14.61 24.05 24.20
CA PHE E 14 15.29 22.85 23.75
C PHE E 14 15.93 23.06 22.40
N ILE E 15 17.26 22.96 22.34
CA ILE E 15 17.97 23.11 21.08
C ILE E 15 18.16 21.72 20.50
N VAL E 16 17.52 21.47 19.36
CA VAL E 16 17.62 20.17 18.69
C VAL E 16 18.08 20.35 17.25
N LYS E 17 18.66 19.30 16.65
CA LYS E 17 19.11 19.39 15.25
C LYS E 17 17.90 19.57 14.34
N ARG E 18 18.03 20.36 13.27
CA ARG E 18 16.93 20.63 12.35
C ARG E 18 16.34 19.38 11.73
N GLU E 19 17.19 18.46 11.27
CA GLU E 19 16.76 17.20 10.67
C GLU E 19 15.93 16.40 11.68
N HIS E 20 16.36 16.37 12.94
CA HIS E 20 15.64 15.67 13.98
C HIS E 20 14.26 16.26 14.21
N ALA E 21 14.14 17.59 14.22
CA ALA E 21 12.85 18.23 14.42
C ALA E 21 11.91 18.00 13.25
N LEU E 22 12.45 17.89 12.03
CA LEU E 22 11.64 17.63 10.84
C LEU E 22 10.86 16.32 10.92
N THR E 23 11.20 15.44 11.87
CA THR E 23 10.47 14.21 12.16
C THR E 23 8.97 14.52 12.40
N SER E 24 8.70 15.72 12.95
CA SER E 24 7.36 16.19 13.17
C SER E 24 6.92 16.97 11.95
N GLY E 25 5.79 16.56 11.37
CA GLY E 25 5.23 17.24 10.21
C GLY E 25 4.76 18.62 10.57
N THR E 26 4.17 18.77 11.76
CA THR E 26 3.71 20.06 12.28
C THR E 26 4.86 21.05 12.36
N ILE E 27 5.98 20.66 12.98
CA ILE E 27 7.16 21.52 13.09
C ILE E 27 7.71 21.80 11.71
N LYS E 28 7.76 20.78 10.83
CA LYS E 28 8.22 20.95 9.46
C LYS E 28 7.41 22.01 8.70
N ALA E 29 6.16 22.26 9.12
CA ALA E 29 5.31 23.27 8.51
C ALA E 29 5.44 24.59 9.25
N MET E 30 5.54 24.55 10.59
CA MET E 30 5.72 25.74 11.44
C MET E 30 6.94 26.53 11.00
N LEU E 31 8.01 25.83 10.62
CA LEU E 31 9.21 26.47 10.08
C LEU E 31 8.91 26.87 8.64
N THR E 42 11.18 30.62 11.64
CA THR E 42 12.35 30.19 10.87
C THR E 42 13.29 29.35 11.72
N ASN E 43 13.70 29.85 12.90
CA ASN E 43 14.61 29.11 13.76
C ASN E 43 14.03 28.74 15.12
N GLU E 44 13.03 29.48 15.62
CA GLU E 44 12.40 29.16 16.89
C GLU E 44 10.93 28.80 16.72
N VAL E 45 10.40 27.97 17.63
CA VAL E 45 9.00 27.55 17.62
C VAL E 45 8.51 27.58 19.06
N ASN E 46 7.39 28.25 19.34
CA ASN E 46 6.87 28.33 20.70
C ASN E 46 5.60 27.53 20.89
N PHE E 47 5.64 26.52 21.78
CA PHE E 47 4.49 25.67 22.07
C PHE E 47 3.81 26.07 23.36
N ARG E 48 2.74 26.86 23.27
CA ARG E 48 1.99 27.33 24.43
C ARG E 48 1.20 26.23 25.14
N GLU E 49 1.10 25.02 24.56
CA GLU E 49 0.32 23.95 25.18
C GLU E 49 1.16 22.75 25.65
N ILE E 50 2.41 22.65 25.21
CA ILE E 50 3.25 21.51 25.60
C ILE E 50 4.20 21.85 26.74
N PRO E 51 4.09 21.13 27.87
CA PRO E 51 4.97 21.40 29.02
C PRO E 51 6.39 20.84 28.87
N SER E 52 7.31 21.23 29.76
CA SER E 52 8.70 20.76 29.69
C SER E 52 8.85 19.26 29.86
N HIS E 53 8.15 18.66 30.84
CA HIS E 53 8.22 17.21 31.03
C HIS E 53 7.67 16.41 29.84
N VAL E 54 6.93 17.06 28.93
CA VAL E 54 6.40 16.41 27.74
C VAL E 54 7.38 16.66 26.59
N LEU E 55 7.69 17.93 26.29
CA LEU E 55 8.60 18.30 25.21
C LEU E 55 9.99 17.67 25.31
N SER E 56 10.46 17.36 26.54
CA SER E 56 11.76 16.69 26.67
C SER E 56 11.66 15.26 26.14
N LYS E 57 10.53 14.58 26.36
CA LYS E 57 10.31 13.22 25.86
C LYS E 57 10.16 13.23 24.34
N VAL E 58 9.50 14.27 23.78
CA VAL E 58 9.33 14.43 22.34
C VAL E 58 10.69 14.53 21.67
N CYS E 59 11.59 15.36 22.21
CA CYS E 59 12.93 15.51 21.66
C CYS E 59 13.72 14.21 21.77
N MET E 60 13.54 13.45 22.86
CA MET E 60 14.18 12.15 23.03
C MET E 60 13.68 11.17 21.96
N TYR E 61 12.38 11.26 21.61
CA TYR E 61 11.81 10.43 20.58
C TYR E 61 12.43 10.79 19.22
N PHE E 62 12.73 12.06 18.97
CA PHE E 62 13.31 12.47 17.71
C PHE E 62 14.68 11.83 17.50
N THR E 63 15.54 11.82 18.52
CA THR E 63 16.86 11.21 18.39
C THR E 63 16.71 9.70 18.20
N TYR E 64 15.78 9.09 18.93
CA TYR E 64 15.44 7.68 18.87
C TYR E 64 14.98 7.29 17.46
N LYS E 65 14.06 8.06 16.88
CA LYS E 65 13.52 7.81 15.57
C LYS E 65 14.61 7.93 14.51
N VAL E 66 15.39 9.02 14.55
CA VAL E 66 16.45 9.21 13.56
C VAL E 66 17.55 8.15 13.65
N ARG E 67 17.79 7.64 14.85
CA ARG E 67 18.81 6.62 15.07
C ARG E 67 18.39 5.23 14.62
N TYR E 68 17.13 4.86 14.83
CA TYR E 68 16.70 3.50 14.55
C TYR E 68 15.80 3.25 13.33
N THR E 69 15.21 4.28 12.71
CA THR E 69 14.27 4.06 11.60
C THR E 69 14.82 3.15 10.48
N ASN E 70 16.03 3.41 10.00
CA ASN E 70 16.64 2.59 8.95
C ASN E 70 17.73 1.76 9.60
N SER E 71 17.33 0.78 10.41
CA SER E 71 18.29 -0.05 11.12
C SER E 71 17.96 -1.54 10.99
N SER E 72 18.94 -2.31 10.49
CA SER E 72 18.81 -3.76 10.32
C SER E 72 18.83 -4.51 11.66
N THR E 73 19.43 -3.90 12.70
CA THR E 73 19.56 -4.47 14.04
C THR E 73 18.30 -4.38 14.90
N GLU E 74 18.26 -5.12 16.02
CA GLU E 74 17.16 -5.08 16.97
C GLU E 74 17.00 -3.68 17.53
N ILE E 75 15.74 -3.27 17.71
CA ILE E 75 15.42 -1.95 18.20
C ILE E 75 14.88 -2.03 19.61
N PRO E 76 15.42 -1.20 20.53
CA PRO E 76 14.91 -1.20 21.89
C PRO E 76 13.56 -0.51 22.03
N GLU E 77 12.85 -0.81 23.11
CA GLU E 77 11.54 -0.24 23.39
C GLU E 77 11.66 1.24 23.73
N PHE E 78 10.73 2.08 23.25
CA PHE E 78 10.74 3.49 23.64
C PHE E 78 9.96 3.55 24.94
N PRO E 79 10.61 3.84 26.07
CA PRO E 79 9.89 3.85 27.34
C PRO E 79 9.03 5.09 27.54
N ILE E 80 7.85 4.89 28.12
CA ILE E 80 6.93 5.98 28.42
C ILE E 80 6.34 5.73 29.79
N ALA E 81 6.64 6.60 30.76
CA ALA E 81 6.11 6.45 32.10
C ALA E 81 4.60 6.65 32.09
N PRO E 82 3.87 5.91 32.94
CA PRO E 82 2.41 6.06 32.95
C PRO E 82 1.87 7.48 33.13
N GLU E 83 2.51 8.29 33.98
CA GLU E 83 2.09 9.67 34.28
C GLU E 83 2.18 10.61 33.08
N ILE E 84 3.15 10.37 32.19
CA ILE E 84 3.32 11.22 31.02
C ILE E 84 2.58 10.75 29.78
N ALA E 85 2.06 9.51 29.78
CA ALA E 85 1.37 8.91 28.65
C ALA E 85 0.24 9.74 28.04
N LEU E 86 -0.71 10.24 28.86
CA LEU E 86 -1.81 11.03 28.31
C LEU E 86 -1.39 12.33 27.69
N GLU E 87 -0.47 13.07 28.33
CA GLU E 87 -0.02 14.33 27.78
C GLU E 87 0.87 14.14 26.58
N LEU E 88 1.72 13.12 26.62
CA LEU E 88 2.61 12.82 25.49
C LEU E 88 1.79 12.44 24.27
N LEU E 89 0.69 11.70 24.46
CA LEU E 89 -0.22 11.29 23.40
C LEU E 89 -0.80 12.52 22.70
N MET E 90 -1.26 13.50 23.48
CA MET E 90 -1.84 14.72 22.93
C MET E 90 -0.79 15.55 22.24
N ALA E 91 0.43 15.58 22.78
CA ALA E 91 1.52 16.32 22.16
C ALA E 91 1.88 15.64 20.84
N ALA E 92 1.95 14.31 20.83
CA ALA E 92 2.26 13.53 19.65
C ALA E 92 1.19 13.69 18.60
N ASN E 93 -0.07 13.75 19.01
CA ASN E 93 -1.19 13.91 18.10
C ASN E 93 -1.12 15.26 17.38
N PHE E 94 -0.73 16.32 18.09
CA PHE E 94 -0.62 17.65 17.52
C PHE E 94 0.61 17.77 16.61
N LEU E 95 1.72 17.16 17.03
CA LEU E 95 2.96 17.24 16.29
C LEU E 95 3.03 16.30 15.08
N ASP E 96 2.10 15.33 14.98
CA ASP E 96 2.09 14.35 13.88
C ASP E 96 3.40 13.55 13.89
N CYS E 97 3.69 12.97 15.05
CA CYS E 97 4.91 12.21 15.30
C CYS E 97 4.69 10.72 15.25
N ARG F 9 -11.43 -17.89 -2.36
CA ARG F 9 -10.32 -17.74 -1.42
C ARG F 9 -9.46 -16.52 -1.74
N PRO F 10 -8.86 -15.87 -0.73
CA PRO F 10 -8.03 -14.68 -1.00
C PRO F 10 -6.71 -15.00 -1.69
N VAL F 11 -6.07 -13.97 -2.25
CA VAL F 11 -4.79 -14.10 -2.96
C VAL F 11 -3.63 -14.29 -1.97
N LEU F 12 -3.69 -13.59 -0.83
CA LEU F 12 -2.66 -13.66 0.19
C LEU F 12 -2.76 -14.95 0.99
N ARG F 13 -2.20 -16.03 0.47
CA ARG F 13 -2.23 -17.34 1.13
C ARG F 13 -0.90 -18.08 0.88
N SER F 14 -0.64 -19.16 1.65
CA SER F 14 0.57 -19.96 1.46
C SER F 14 0.39 -20.86 0.25
N VAL F 15 1.44 -21.02 -0.54
CA VAL F 15 1.40 -21.92 -1.69
C VAL F 15 1.58 -23.34 -1.16
N ASN F 16 0.80 -24.32 -1.67
CA ASN F 16 0.94 -25.70 -1.23
C ASN F 16 1.96 -26.44 -2.06
N SER F 17 3.23 -26.35 -1.68
CA SER F 17 4.29 -27.02 -2.43
C SER F 17 4.78 -28.32 -1.81
N ARG F 18 4.49 -28.57 -0.52
CA ARG F 18 4.93 -29.77 0.20
C ARG F 18 6.47 -29.93 0.27
N GLU F 19 7.23 -28.91 -0.16
CA GLU F 19 8.69 -28.91 -0.13
C GLU F 19 9.17 -28.34 1.19
N PRO F 20 9.76 -29.16 2.06
CA PRO F 20 10.22 -28.64 3.35
C PRO F 20 11.27 -27.54 3.28
N SER F 21 11.19 -26.60 4.23
CA SER F 21 12.09 -25.47 4.36
C SER F 21 12.32 -25.28 5.85
N GLN F 22 13.55 -25.51 6.31
CA GLN F 22 13.90 -25.36 7.71
C GLN F 22 14.17 -23.89 8.00
N VAL F 23 13.41 -23.32 8.94
CA VAL F 23 13.52 -21.91 9.31
C VAL F 23 13.92 -21.76 10.78
N ILE F 24 14.46 -20.59 11.14
CA ILE F 24 14.82 -20.27 12.50
C ILE F 24 14.11 -18.98 12.89
N PHE F 25 13.23 -19.03 13.89
CA PHE F 25 12.49 -17.87 14.35
C PHE F 25 13.24 -17.19 15.51
N CYS F 26 14.08 -16.20 15.23
CA CYS F 26 14.79 -15.51 16.32
C CYS F 26 14.06 -14.27 16.74
N ASN F 27 13.59 -14.23 17.98
CA ASN F 27 12.88 -13.07 18.50
C ASN F 27 13.82 -12.05 19.15
N ARG F 28 14.28 -11.07 18.38
CA ARG F 28 15.14 -10.02 18.90
C ARG F 28 14.31 -8.79 19.21
N SER F 29 13.37 -8.94 20.14
CA SER F 29 12.49 -7.85 20.53
C SER F 29 12.10 -8.01 22.00
N PRO F 30 11.75 -6.90 22.68
CA PRO F 30 11.32 -7.01 24.08
C PRO F 30 9.91 -7.61 24.25
N ARG F 31 9.22 -7.96 23.16
CA ARG F 31 7.86 -8.48 23.22
C ARG F 31 7.77 -9.99 23.11
N VAL F 32 6.69 -10.54 23.65
CA VAL F 32 6.36 -11.96 23.50
C VAL F 32 5.77 -12.03 22.10
N VAL F 33 6.41 -12.75 21.19
CA VAL F 33 5.95 -12.80 19.80
C VAL F 33 4.98 -13.94 19.52
N LEU F 34 3.96 -13.65 18.73
CA LEU F 34 2.98 -14.61 18.28
C LEU F 34 3.15 -14.80 16.78
N PRO F 35 3.85 -15.87 16.35
CA PRO F 35 3.99 -16.10 14.91
C PRO F 35 2.65 -16.53 14.31
N VAL F 36 2.35 -16.06 13.11
CA VAL F 36 1.08 -16.34 12.46
C VAL F 36 1.31 -16.87 11.05
N TRP F 37 0.91 -18.10 10.82
CA TRP F 37 1.03 -18.71 9.51
C TRP F 37 -0.28 -18.49 8.77
N LEU F 38 -0.24 -18.08 7.49
CA LEU F 38 -1.46 -17.89 6.71
C LEU F 38 -1.77 -19.18 5.98
N ASN F 39 -2.90 -19.86 6.32
CA ASN F 39 -3.15 -21.17 5.73
C ASN F 39 -3.50 -21.10 4.22
N PHE F 40 -3.73 -22.27 3.60
CA PHE F 40 -4.00 -22.37 2.18
C PHE F 40 -5.27 -21.63 1.77
N ASP F 41 -6.20 -21.42 2.71
CA ASP F 41 -7.42 -20.66 2.49
C ASP F 41 -7.24 -19.15 2.85
N GLY F 42 -6.04 -18.74 3.25
CA GLY F 42 -5.75 -17.37 3.63
C GLY F 42 -6.05 -17.05 5.09
N GLU F 43 -6.48 -18.03 5.89
CA GLU F 43 -6.82 -17.79 7.30
C GLU F 43 -5.59 -17.69 8.22
N PRO F 44 -5.57 -16.69 9.11
CA PRO F 44 -4.44 -16.56 10.04
C PRO F 44 -4.45 -17.68 11.08
N GLN F 45 -3.35 -18.42 11.17
CA GLN F 45 -3.21 -19.53 12.10
C GLN F 45 -2.10 -19.26 13.10
N PRO F 46 -2.45 -19.06 14.37
CA PRO F 46 -1.44 -18.77 15.39
C PRO F 46 -0.62 -19.97 15.85
N TYR F 47 0.68 -19.78 15.93
CA TYR F 47 1.64 -20.81 16.36
C TYR F 47 2.15 -20.54 17.80
N PRO F 48 2.90 -21.46 18.46
CA PRO F 48 3.35 -21.21 19.84
C PRO F 48 4.16 -19.92 20.03
N THR F 49 3.86 -19.17 21.11
CA THR F 49 4.51 -17.89 21.37
C THR F 49 5.97 -17.97 21.78
N LEU F 50 6.78 -17.03 21.26
CA LEU F 50 8.20 -16.93 21.57
C LEU F 50 8.45 -15.92 22.68
N PRO F 51 9.04 -16.37 23.79
CA PRO F 51 9.35 -15.43 24.88
C PRO F 51 10.33 -14.33 24.47
N PRO F 52 10.33 -13.20 25.20
CA PRO F 52 11.23 -12.08 24.86
C PRO F 52 12.72 -12.44 24.87
N GLY F 53 13.29 -12.68 23.69
CA GLY F 53 14.72 -12.99 23.59
C GLY F 53 15.06 -14.34 23.00
N THR F 54 14.11 -15.28 23.04
CA THR F 54 14.30 -16.66 22.58
C THR F 54 14.28 -16.80 21.03
N GLY F 55 14.59 -18.00 20.56
CA GLY F 55 14.61 -18.34 19.15
C GLY F 55 14.49 -19.84 18.99
N ARG F 56 13.70 -20.31 18.01
CA ARG F 56 13.50 -21.74 17.82
C ARG F 56 13.71 -22.15 16.37
N ARG F 57 14.19 -23.38 16.17
CA ARG F 57 14.34 -23.92 14.83
C ARG F 57 13.01 -24.57 14.48
N ILE F 58 12.33 -24.05 13.46
CA ILE F 58 11.03 -24.53 13.04
C ILE F 58 11.03 -25.17 11.65
N HIS F 59 10.06 -26.04 11.41
CA HIS F 59 9.91 -26.70 10.13
C HIS F 59 8.74 -26.08 9.40
N SER F 60 9.01 -25.46 8.28
CA SER F 60 7.98 -24.86 7.43
C SER F 60 8.19 -25.40 6.00
N TYR F 61 7.64 -24.73 4.96
CA TYR F 61 7.78 -25.17 3.58
C TYR F 61 8.02 -23.97 2.66
N ARG F 62 8.61 -24.21 1.48
CA ARG F 62 8.85 -23.16 0.49
C ARG F 62 7.50 -22.59 0.04
N GLY F 63 7.39 -21.27 -0.04
CA GLY F 63 6.16 -20.64 -0.48
C GLY F 63 5.15 -20.28 0.60
N HIS F 64 5.35 -20.73 1.84
CA HIS F 64 4.41 -20.41 2.91
C HIS F 64 4.53 -18.96 3.37
N LEU F 65 3.46 -18.40 3.96
CA LEU F 65 3.46 -17.01 4.39
C LEU F 65 3.34 -16.87 5.90
N TRP F 66 4.29 -16.15 6.49
CA TRP F 66 4.29 -15.92 7.93
C TRP F 66 4.25 -14.44 8.26
N LEU F 67 3.65 -14.12 9.40
CA LEU F 67 3.56 -12.75 9.88
C LEU F 67 3.68 -12.76 11.41
N PHE F 68 4.36 -11.77 11.98
CA PHE F 68 4.61 -11.77 13.42
C PHE F 68 4.05 -10.56 14.12
N ARG F 69 3.36 -10.80 15.23
CA ARG F 69 2.72 -9.75 16.02
C ARG F 69 3.04 -9.93 17.52
N ASP F 70 2.72 -8.93 18.34
CA ASP F 70 2.85 -9.02 19.79
C ASP F 70 1.73 -9.98 20.23
N ALA F 71 2.06 -11.00 21.02
CA ALA F 71 1.10 -12.00 21.44
C ALA F 71 -0.07 -11.47 22.28
N GLY F 72 0.15 -10.39 23.00
CA GLY F 72 -0.89 -9.86 23.89
C GLY F 72 -1.69 -8.69 23.36
N THR F 73 -1.13 -7.94 22.42
CA THR F 73 -1.79 -6.74 21.88
C THR F 73 -1.90 -6.71 20.35
N HIS F 74 -1.31 -7.69 19.68
CA HIS F 74 -1.31 -7.76 18.23
C HIS F 74 -0.61 -6.59 17.56
N ASP F 75 0.29 -5.89 18.29
CA ASP F 75 1.07 -4.81 17.68
C ASP F 75 1.94 -5.40 16.58
N GLY F 76 2.07 -4.69 15.47
CA GLY F 76 2.84 -5.18 14.34
C GLY F 76 4.32 -5.28 14.62
N LEU F 77 4.96 -6.33 14.10
CA LEU F 77 6.39 -6.52 14.26
C LEU F 77 7.02 -6.78 12.89
N LEU F 78 8.33 -6.59 12.79
CA LEU F 78 9.03 -6.82 11.53
C LEU F 78 9.74 -8.15 11.53
N VAL F 79 9.92 -8.73 10.36
CA VAL F 79 10.64 -9.97 10.18
C VAL F 79 11.58 -9.73 9.01
N ASN F 80 12.90 -9.64 9.29
CA ASN F 80 13.91 -9.31 8.29
C ASN F 80 13.59 -7.95 7.62
N GLN F 81 13.10 -6.99 8.40
CA GLN F 81 12.74 -5.65 7.96
C GLN F 81 11.40 -5.56 7.22
N THR F 82 10.93 -6.65 6.62
CA THR F 82 9.67 -6.65 5.90
C THR F 82 8.47 -6.97 6.83
N GLU F 83 7.24 -6.96 6.29
CA GLU F 83 6.04 -7.28 7.06
C GLU F 83 5.76 -8.78 7.02
N LEU F 84 6.02 -9.43 5.87
CA LEU F 84 5.78 -10.87 5.70
C LEU F 84 7.06 -11.66 5.44
N PHE F 85 7.11 -12.88 5.98
CA PHE F 85 8.25 -13.78 5.79
C PHE F 85 7.84 -14.99 4.95
N VAL F 86 8.57 -15.27 3.88
CA VAL F 86 8.29 -16.42 3.03
C VAL F 86 9.50 -17.35 3.00
N PRO F 87 9.41 -18.53 3.63
CA PRO F 87 10.54 -19.47 3.63
C PRO F 87 10.96 -19.85 2.21
N SER F 88 12.25 -19.76 1.90
CA SER F 88 12.74 -20.07 0.57
C SER F 88 13.41 -21.48 0.50
N LEU F 89 14.25 -21.77 -0.51
CA LEU F 89 14.90 -23.08 -0.60
C LEU F 89 16.18 -23.10 0.23
N ASN F 90 16.36 -24.13 1.06
CA ASN F 90 17.54 -24.26 1.91
C ASN F 90 18.77 -24.59 1.07
N VAL F 91 19.58 -23.58 0.73
CA VAL F 91 20.79 -23.80 -0.07
C VAL F 91 21.78 -24.68 0.69
N ASP F 92 21.87 -25.96 0.30
CA ASP F 92 22.74 -26.97 0.93
C ASP F 92 22.37 -27.23 2.38
N GLY F 93 21.08 -27.17 2.69
CA GLY F 93 20.57 -27.43 4.03
C GLY F 93 20.70 -26.27 5.00
N GLN F 94 21.05 -25.07 4.50
CA GLN F 94 21.22 -23.92 5.39
C GLN F 94 19.87 -23.36 5.89
N PRO F 95 19.69 -23.35 7.21
CA PRO F 95 18.43 -22.82 7.77
C PRO F 95 18.23 -21.34 7.48
N ILE F 96 17.02 -20.98 7.06
CA ILE F 96 16.68 -19.60 6.72
C ILE F 96 16.36 -18.83 8.00
N PHE F 97 16.96 -17.66 8.18
CA PHE F 97 16.76 -16.86 9.39
C PHE F 97 15.60 -15.88 9.30
N ALA F 98 14.75 -15.88 10.34
CA ALA F 98 13.62 -14.97 10.43
C ALA F 98 13.84 -14.09 11.67
N ASN F 99 14.48 -12.93 11.49
CA ASN F 99 14.74 -12.03 12.59
C ASN F 99 13.56 -11.16 12.87
N ILE F 100 12.98 -11.35 14.04
CA ILE F 100 11.81 -10.62 14.48
C ILE F 100 12.21 -9.41 15.33
N THR F 101 11.98 -8.20 14.80
CA THR F 101 12.35 -6.98 15.50
C THR F 101 11.16 -6.02 15.65
N LEU F 102 11.26 -5.14 16.63
CA LEU F 102 10.27 -4.11 16.87
C LEU F 102 10.50 -3.04 15.79
N PRO F 103 9.45 -2.48 15.18
CA PRO F 103 9.68 -1.38 14.23
C PRO F 103 9.82 -0.06 15.01
N VAL F 104 10.09 1.05 14.31
CA VAL F 104 10.11 2.34 14.97
C VAL F 104 8.71 2.85 14.91
N TYR F 105 7.91 2.55 15.94
CA TYR F 105 6.53 3.05 15.99
C TYR F 105 6.54 4.57 16.07
N THR F 106 5.43 5.20 15.64
CA THR F 106 5.30 6.64 15.79
C THR F 106 5.10 6.93 17.29
N LEU F 107 5.45 8.14 17.77
CA LEU F 107 5.27 8.46 19.18
C LEU F 107 3.81 8.37 19.60
N LYS F 108 2.89 8.75 18.69
CA LYS F 108 1.45 8.67 18.91
C LYS F 108 1.06 7.22 19.11
N GLU F 109 1.47 6.35 18.18
CA GLU F 109 1.18 4.91 18.29
C GLU F 109 1.80 4.31 19.52
N ARG F 110 3.01 4.73 19.86
CA ARG F 110 3.70 4.24 21.03
C ARG F 110 2.93 4.61 22.30
N CYS F 111 2.37 5.82 22.36
CA CYS F 111 1.58 6.27 23.51
C CYS F 111 0.28 5.50 23.60
N LEU F 112 -0.37 5.24 22.45
CA LEU F 112 -1.61 4.47 22.43
C LEU F 112 -1.37 3.06 22.96
N GLN F 113 -0.21 2.46 22.65
CA GLN F 113 0.12 1.13 23.14
C GLN F 113 0.25 1.13 24.65
N VAL F 114 0.93 2.15 25.21
CA VAL F 114 1.12 2.26 26.65
C VAL F 114 -0.19 2.50 27.37
N VAL F 115 -1.04 3.39 26.84
CA VAL F 115 -2.32 3.68 27.46
C VAL F 115 -3.22 2.44 27.45
N ARG F 116 -3.33 1.75 26.29
CA ARG F 116 -4.15 0.53 26.17
C ARG F 116 -3.71 -0.54 27.16
N SER F 117 -2.40 -0.67 27.36
CA SER F 117 -1.84 -1.63 28.30
C SER F 117 -2.13 -1.27 29.77
N LEU F 118 -2.55 -0.03 30.05
CA LEU F 118 -2.83 0.44 31.40
C LEU F 118 -4.32 0.55 31.70
N VAL F 119 -5.13 0.97 30.73
CA VAL F 119 -6.55 1.21 30.91
C VAL F 119 -7.42 0.09 30.29
N LYS F 120 -8.46 -0.34 31.02
CA LYS F 120 -9.39 -1.34 30.50
C LYS F 120 -10.21 -0.72 29.37
N PRO F 121 -10.52 -1.48 28.32
CA PRO F 121 -11.31 -0.91 27.20
C PRO F 121 -12.61 -0.25 27.62
N GLU F 122 -13.22 -0.75 28.69
CA GLU F 122 -14.43 -0.20 29.26
C GLU F 122 -14.23 1.19 29.89
N ASN F 123 -12.97 1.59 30.14
CA ASN F 123 -12.64 2.85 30.77
C ASN F 123 -11.99 3.89 29.86
N TYR F 124 -11.89 3.63 28.53
CA TYR F 124 -11.28 4.62 27.62
C TYR F 124 -12.05 5.93 27.65
N ARG F 125 -13.39 5.84 27.71
CA ARG F 125 -14.26 7.02 27.76
C ARG F 125 -14.10 7.87 29.03
N ARG F 126 -13.44 7.33 30.06
CA ARG F 126 -13.18 8.08 31.28
C ARG F 126 -11.88 8.90 31.23
N LEU F 127 -11.06 8.71 30.19
CA LEU F 127 -9.83 9.46 30.03
C LEU F 127 -10.18 10.88 29.58
N ASP F 128 -9.46 11.88 30.10
CA ASP F 128 -9.72 13.27 29.75
C ASP F 128 -8.97 13.68 28.48
N ILE F 129 -9.35 13.09 27.34
CA ILE F 129 -8.69 13.39 26.06
C ILE F 129 -9.69 13.74 24.96
N VAL F 130 -9.19 14.29 23.84
CA VAL F 130 -9.98 14.63 22.66
C VAL F 130 -10.82 13.45 22.20
N ARG F 131 -11.96 13.74 21.54
CA ARG F 131 -12.83 12.71 21.00
C ARG F 131 -12.09 11.85 19.97
N SER F 132 -11.20 12.46 19.18
CA SER F 132 -10.45 11.75 18.15
C SER F 132 -9.49 10.74 18.74
N LEU F 133 -8.87 11.05 19.88
CA LEU F 133 -7.96 10.12 20.54
C LEU F 133 -8.70 8.92 21.13
N TYR F 134 -9.98 9.10 21.48
CA TYR F 134 -10.83 8.04 21.99
C TYR F 134 -11.00 6.98 20.90
N GLU F 135 -11.23 7.44 19.65
CA GLU F 135 -11.40 6.58 18.49
C GLU F 135 -10.12 5.82 18.20
N ASP F 136 -8.97 6.51 18.29
CA ASP F 136 -7.66 5.90 18.04
C ASP F 136 -7.32 4.82 19.04
N LEU F 137 -7.79 4.95 20.29
CA LEU F 137 -7.56 3.96 21.34
C LEU F 137 -8.35 2.70 21.04
N GLU F 138 -9.65 2.85 20.73
CA GLU F 138 -10.53 1.72 20.41
C GLU F 138 -10.14 1.03 19.10
N ASP F 139 -9.39 1.71 18.23
CA ASP F 139 -8.94 1.14 16.97
C ASP F 139 -7.68 0.32 17.22
N HIS F 140 -7.84 -0.79 17.94
CA HIS F 140 -6.76 -1.70 18.31
C HIS F 140 -6.11 -2.32 17.09
N PRO F 141 -4.82 -2.67 17.19
CA PRO F 141 -4.15 -3.35 16.07
C PRO F 141 -4.86 -4.68 15.81
N ASN F 142 -5.18 -4.95 14.55
CA ASN F 142 -6.00 -6.11 14.21
C ASN F 142 -5.38 -6.91 13.06
N VAL F 143 -5.25 -8.23 13.24
CA VAL F 143 -4.66 -9.13 12.26
C VAL F 143 -5.51 -9.26 11.00
N GLN F 144 -6.82 -9.47 11.15
CA GLN F 144 -7.71 -9.60 9.99
C GLN F 144 -7.71 -8.31 9.17
N LYS F 145 -7.67 -7.16 9.85
CA LYS F 145 -7.64 -5.85 9.20
C LYS F 145 -6.35 -5.71 8.38
N ASP F 146 -5.23 -6.09 8.97
CA ASP F 146 -3.93 -6.05 8.29
C ASP F 146 -3.88 -7.00 7.12
N LEU F 147 -4.54 -8.16 7.26
CA LEU F 147 -4.60 -9.13 6.20
C LEU F 147 -5.41 -8.62 5.06
N GLU F 148 -6.57 -7.99 5.34
CA GLU F 148 -7.39 -7.37 4.31
C GLU F 148 -6.59 -6.32 3.53
N ARG F 149 -5.69 -5.61 4.24
CA ARG F 149 -4.81 -4.62 3.65
C ARG F 149 -3.80 -5.30 2.73
N LEU F 150 -3.00 -6.23 3.26
CA LEU F 150 -1.98 -6.93 2.48
C LEU F 150 -2.57 -7.64 1.28
N THR F 151 -3.76 -8.22 1.44
CA THR F 151 -4.47 -8.90 0.36
C THR F 151 -4.81 -7.89 -0.71
N GLN F 152 -5.35 -6.73 -0.30
CA GLN F 152 -5.69 -5.70 -1.26
C GLN F 152 -4.47 -5.09 -1.94
N GLU F 153 -3.31 -5.09 -1.27
CA GLU F 153 -2.06 -4.60 -1.84
C GLU F 153 -1.54 -5.60 -2.87
N ARG F 154 -1.63 -6.90 -2.57
CA ARG F 154 -1.22 -7.96 -3.50
C ARG F 154 -2.13 -7.94 -4.74
N ILE F 155 -3.44 -7.67 -4.54
CA ILE F 155 -4.41 -7.55 -5.63
C ILE F 155 -4.08 -6.33 -6.49
N ALA F 156 -3.65 -5.22 -5.87
CA ALA F 156 -3.25 -4.01 -6.59
C ALA F 156 -2.02 -4.26 -7.45
N HIS F 157 -1.05 -5.05 -6.95
CA HIS F 157 0.14 -5.39 -7.72
C HIS F 157 -0.17 -6.37 -8.87
N GLN F 158 -1.20 -7.20 -8.68
CA GLN F 158 -1.73 -8.14 -9.67
C GLN F 158 -2.53 -7.43 -10.79
N ARG F 159 -2.91 -6.15 -10.58
CA ARG F 159 -3.67 -5.33 -11.52
C ARG F 159 -2.77 -4.29 -12.18
N MET F 160 -1.79 -3.75 -11.45
CA MET F 160 -0.87 -2.72 -11.96
C MET F 160 0.47 -3.34 -12.35
N GLY F 161 1.05 -2.85 -13.44
CA GLY F 161 2.32 -3.31 -13.99
C GLY F 161 3.46 -3.52 -13.02
N ASP F 162 3.95 -2.43 -12.40
CA ASP F 162 5.05 -2.44 -11.42
C ASP F 162 6.36 -3.00 -11.99
N ASN G 9 -53.81 35.39 -8.87
CA ASN G 9 -54.32 36.36 -7.90
C ASN G 9 -53.16 37.07 -7.15
N LEU G 10 -53.33 37.50 -5.88
CA LEU G 10 -52.30 38.23 -5.17
C LEU G 10 -51.10 37.40 -4.77
N THR G 11 -51.31 36.21 -4.16
CA THR G 11 -50.19 35.35 -3.74
C THR G 11 -49.25 35.01 -4.90
N LYS G 12 -49.84 34.67 -6.05
CA LYS G 12 -49.08 34.31 -7.25
C LYS G 12 -48.30 35.47 -7.83
N LYS G 13 -48.87 36.69 -7.76
CA LYS G 13 -48.18 37.88 -8.24
C LYS G 13 -47.05 38.28 -7.28
N MET G 14 -47.23 38.04 -5.96
CA MET G 14 -46.17 38.31 -4.99
C MET G 14 -45.00 37.34 -5.27
N LYS G 15 -45.33 36.05 -5.54
CA LYS G 15 -44.35 35.03 -5.89
C LYS G 15 -43.54 35.45 -7.11
N LYS G 16 -44.22 35.91 -8.18
CA LYS G 16 -43.62 36.30 -9.45
C LYS G 16 -42.62 37.43 -9.27
N ILE G 17 -43.01 38.44 -8.48
CA ILE G 17 -42.19 39.60 -8.19
C ILE G 17 -40.91 39.16 -7.46
N VAL G 18 -41.06 38.42 -6.36
CA VAL G 18 -39.91 37.97 -5.57
C VAL G 18 -39.00 37.04 -6.34
N ASP G 19 -39.56 36.13 -7.15
CA ASP G 19 -38.75 35.21 -7.95
C ASP G 19 -37.88 36.00 -8.92
N ALA G 20 -38.43 37.04 -9.54
CA ALA G 20 -37.69 37.86 -10.49
C ALA G 20 -36.62 38.71 -9.82
N VAL G 21 -36.90 39.23 -8.63
CA VAL G 21 -35.90 40.00 -7.87
C VAL G 21 -34.75 39.08 -7.48
N ILE G 22 -35.08 37.86 -7.04
CA ILE G 22 -34.08 36.88 -6.65
C ILE G 22 -33.23 36.47 -7.84
N LYS G 23 -33.87 36.18 -8.97
CA LYS G 23 -33.19 35.72 -10.17
C LYS G 23 -32.33 36.78 -10.87
N TYR G 24 -32.54 38.07 -10.57
CA TYR G 24 -31.78 39.14 -11.22
C TYR G 24 -30.26 38.95 -11.20
N LYS G 25 -29.62 39.13 -12.36
CA LYS G 25 -28.18 39.00 -12.50
C LYS G 25 -27.58 40.27 -13.08
N ASP G 26 -26.41 40.68 -12.57
CA ASP G 26 -25.66 41.85 -13.04
C ASP G 26 -25.34 41.67 -14.53
N SER G 27 -25.45 42.75 -15.31
CA SER G 27 -25.25 42.71 -16.75
C SER G 27 -23.91 42.14 -17.23
N SER G 28 -22.79 42.77 -16.84
CA SER G 28 -21.47 42.33 -17.31
C SER G 28 -20.98 41.10 -16.60
N SER G 29 -21.09 41.06 -15.28
CA SER G 29 -20.61 39.94 -14.49
C SER G 29 -21.49 38.70 -14.58
N GLY G 30 -22.79 38.92 -14.68
CA GLY G 30 -23.75 37.82 -14.64
C GLY G 30 -23.98 37.33 -13.21
N ARG G 31 -23.50 38.07 -12.19
CA ARG G 31 -23.62 37.68 -10.80
C ARG G 31 -25.02 37.89 -10.25
N GLN G 32 -25.55 36.89 -9.55
CA GLN G 32 -26.88 36.98 -8.96
C GLN G 32 -26.79 37.81 -7.69
N LEU G 33 -27.30 39.04 -7.74
CA LEU G 33 -27.23 39.98 -6.63
C LEU G 33 -27.85 39.51 -5.32
N SER G 34 -28.96 38.79 -5.38
CA SER G 34 -29.67 38.32 -4.19
C SER G 34 -28.94 37.26 -3.35
N GLU G 35 -27.89 36.63 -3.90
CA GLU G 35 -27.13 35.53 -3.30
C GLU G 35 -26.98 35.59 -1.77
N VAL G 36 -26.32 36.63 -1.25
CA VAL G 36 -26.07 36.75 0.19
C VAL G 36 -27.31 37.01 1.02
N PHE G 37 -28.38 37.49 0.39
CA PHE G 37 -29.61 37.85 1.08
C PHE G 37 -30.63 36.74 1.20
N ILE G 38 -30.38 35.56 0.60
CA ILE G 38 -31.34 34.47 0.65
C ILE G 38 -31.52 33.96 2.07
N GLN G 39 -30.40 33.72 2.76
CA GLN G 39 -30.46 33.22 4.11
C GLN G 39 -29.43 33.86 5.01
N LEU G 40 -29.90 34.45 6.11
CA LEU G 40 -29.07 35.10 7.10
C LEU G 40 -28.27 34.06 7.85
N PRO G 41 -27.01 34.36 8.19
CA PRO G 41 -26.26 33.45 9.05
C PRO G 41 -26.95 33.33 10.42
N SER G 42 -26.83 32.17 11.07
CA SER G 42 -27.47 31.94 12.36
C SER G 42 -26.97 32.89 13.45
N ARG G 43 -27.70 32.97 14.58
CA ARG G 43 -27.30 33.79 15.71
C ARG G 43 -25.92 33.41 16.25
N LYS G 44 -25.59 32.11 16.23
CA LYS G 44 -24.28 31.66 16.70
C LYS G 44 -23.16 31.97 15.68
N GLU G 45 -23.49 31.94 14.39
CA GLU G 45 -22.54 32.21 13.32
C GLU G 45 -22.20 33.69 13.23
N LEU G 46 -23.19 34.56 13.44
CA LEU G 46 -22.99 36.01 13.32
C LEU G 46 -23.76 36.79 14.40
N PRO G 47 -23.33 36.72 15.67
CA PRO G 47 -24.07 37.42 16.73
C PRO G 47 -24.13 38.93 16.59
N GLU G 48 -23.10 39.53 15.97
CA GLU G 48 -23.00 40.97 15.73
C GLU G 48 -24.24 41.47 14.97
N TYR G 49 -24.68 40.71 13.96
CA TYR G 49 -25.84 41.08 13.16
C TYR G 49 -27.08 41.26 14.02
N TYR G 50 -27.33 40.30 14.93
CA TYR G 50 -28.52 40.34 15.75
C TYR G 50 -28.48 41.37 16.86
N GLU G 51 -27.28 41.83 17.24
CA GLU G 51 -27.18 42.87 18.24
C GLU G 51 -27.42 44.25 17.60
N LEU G 52 -26.95 44.45 16.37
CA LEU G 52 -27.12 45.72 15.68
C LEU G 52 -28.48 45.87 15.01
N ILE G 53 -28.97 44.80 14.39
CA ILE G 53 -30.23 44.83 13.64
C ILE G 53 -31.45 44.45 14.47
N ARG G 54 -32.44 45.34 14.51
CA ARG G 54 -33.69 45.19 15.27
C ARG G 54 -34.64 44.11 14.72
N LYS G 55 -34.95 44.15 13.42
CA LYS G 55 -35.87 43.17 12.83
C LYS G 55 -35.23 42.41 11.67
N PRO G 56 -34.41 41.40 11.97
CA PRO G 56 -33.76 40.64 10.90
C PRO G 56 -34.73 39.92 9.97
N VAL G 57 -34.45 39.94 8.66
CA VAL G 57 -35.29 39.30 7.66
C VAL G 57 -34.45 38.93 6.43
N ASP G 58 -34.74 37.78 5.80
CA ASP G 58 -34.04 37.34 4.60
C ASP G 58 -35.04 36.90 3.51
N PHE G 59 -34.59 36.65 2.27
CA PHE G 59 -35.51 36.24 1.20
C PHE G 59 -36.21 34.92 1.46
N LYS G 60 -35.58 34.00 2.21
CA LYS G 60 -36.21 32.73 2.56
C LYS G 60 -37.47 32.98 3.40
N LYS G 61 -37.37 33.90 4.37
CA LYS G 61 -38.46 34.30 5.25
C LYS G 61 -39.55 35.00 4.47
N ILE G 62 -39.16 35.86 3.52
CA ILE G 62 -40.14 36.56 2.69
C ILE G 62 -40.93 35.58 1.84
N LYS G 63 -40.26 34.58 1.25
CA LYS G 63 -40.94 33.55 0.46
C LYS G 63 -41.91 32.73 1.31
N GLU G 64 -41.54 32.46 2.56
CA GLU G 64 -42.35 31.72 3.54
C GLU G 64 -43.59 32.54 3.89
N ARG G 65 -43.42 33.85 4.12
CA ARG G 65 -44.53 34.74 4.44
C ARG G 65 -45.51 34.85 3.27
N ILE G 66 -45.00 34.81 2.02
CA ILE G 66 -45.86 34.81 0.84
C ILE G 66 -46.67 33.50 0.81
N ARG G 67 -45.98 32.35 0.84
CA ARG G 67 -46.65 31.06 0.78
C ARG G 67 -47.63 30.86 1.94
N ASN G 68 -47.38 31.49 3.09
CA ASN G 68 -48.26 31.38 4.26
C ASN G 68 -49.33 32.47 4.35
N HIS G 69 -49.51 33.28 3.29
CA HIS G 69 -50.49 34.36 3.23
C HIS G 69 -50.36 35.38 4.36
N LYS G 70 -49.13 35.76 4.69
CA LYS G 70 -48.87 36.71 5.75
C LYS G 70 -48.90 38.16 5.29
N TYR G 71 -48.88 38.41 3.96
CA TYR G 71 -48.96 39.77 3.44
C TYR G 71 -50.35 40.03 2.94
N ARG G 72 -50.94 41.12 3.39
CA ARG G 72 -52.28 41.50 2.97
C ARG G 72 -52.26 42.29 1.65
N SER G 73 -51.19 43.04 1.39
CA SER G 73 -51.08 43.84 0.17
C SER G 73 -49.68 43.79 -0.42
N LEU G 74 -49.52 44.24 -1.68
CA LEU G 74 -48.20 44.36 -2.29
C LEU G 74 -47.35 45.39 -1.48
N ASN G 75 -48.00 46.34 -0.80
CA ASN G 75 -47.34 47.30 0.07
C ASN G 75 -46.71 46.61 1.28
N ASP G 76 -47.37 45.59 1.83
CA ASP G 76 -46.81 44.83 2.94
C ASP G 76 -45.62 44.02 2.47
N LEU G 77 -45.66 43.47 1.24
CA LEU G 77 -44.52 42.74 0.69
C LEU G 77 -43.35 43.71 0.50
N GLU G 78 -43.60 44.87 -0.13
CA GLU G 78 -42.58 45.90 -0.37
C GLU G 78 -41.90 46.32 0.93
N LYS G 79 -42.70 46.51 1.98
CA LYS G 79 -42.23 46.89 3.30
C LYS G 79 -41.16 45.94 3.82
N ASP G 80 -41.37 44.63 3.66
CA ASP G 80 -40.41 43.63 4.12
C ASP G 80 -39.15 43.59 3.27
N VAL G 81 -39.28 43.75 1.95
CA VAL G 81 -38.13 43.77 1.05
C VAL G 81 -37.28 45.00 1.34
N MET G 82 -37.92 46.16 1.48
CA MET G 82 -37.20 47.39 1.78
C MET G 82 -36.52 47.33 3.13
N LEU G 83 -37.10 46.62 4.10
CA LEU G 83 -36.53 46.43 5.42
C LEU G 83 -35.28 45.57 5.33
N LEU G 84 -35.30 44.49 4.52
CA LEU G 84 -34.14 43.63 4.30
C LEU G 84 -32.98 44.48 3.76
N CYS G 85 -33.26 45.33 2.77
CA CYS G 85 -32.25 46.19 2.18
C CYS G 85 -31.75 47.23 3.17
N GLN G 86 -32.64 47.83 3.95
CA GLN G 86 -32.28 48.81 4.98
C GLN G 86 -31.35 48.16 6.01
N ASN G 87 -31.66 46.92 6.41
CA ASN G 87 -30.87 46.15 7.36
C ASN G 87 -29.48 45.89 6.80
N ALA G 88 -29.39 45.54 5.51
CA ALA G 88 -28.10 45.32 4.85
C ALA G 88 -27.28 46.60 4.82
N GLN G 89 -27.93 47.76 4.61
CA GLN G 89 -27.24 49.04 4.59
C GLN G 89 -26.78 49.48 5.98
N THR G 90 -27.46 49.02 7.04
CA THR G 90 -27.08 49.35 8.40
C THR G 90 -25.89 48.48 8.86
N PHE G 91 -25.94 47.18 8.54
CA PHE G 91 -24.88 46.25 8.96
C PHE G 91 -23.58 46.41 8.16
N ASN G 92 -23.68 46.59 6.85
CA ASN G 92 -22.50 46.69 5.99
C ASN G 92 -22.10 48.14 5.71
N LEU G 93 -20.83 48.36 5.35
CA LEU G 93 -20.29 49.69 5.07
C LEU G 93 -20.79 50.27 3.76
N GLU G 94 -21.01 51.58 3.73
CA GLU G 94 -21.38 52.33 2.54
C GLU G 94 -20.18 52.28 1.59
N GLY G 95 -20.42 51.85 0.37
CA GLY G 95 -19.36 51.68 -0.61
C GLY G 95 -19.03 50.22 -0.86
N SER G 96 -19.31 49.33 0.12
CA SER G 96 -19.06 47.89 -0.01
C SER G 96 -19.99 47.26 -1.05
N LEU G 97 -19.59 46.11 -1.58
CA LEU G 97 -20.37 45.42 -2.59
C LEU G 97 -21.74 45.01 -2.07
N ILE G 98 -21.82 44.41 -0.88
CA ILE G 98 -23.09 43.95 -0.31
C ILE G 98 -24.06 45.11 -0.12
N TYR G 99 -23.55 46.24 0.37
CA TYR G 99 -24.34 47.46 0.58
C TYR G 99 -24.95 47.91 -0.74
N GLU G 100 -24.14 47.96 -1.79
CA GLU G 100 -24.59 48.39 -3.10
C GLU G 100 -25.57 47.44 -3.72
N ASP G 101 -25.35 46.14 -3.53
CA ASP G 101 -26.27 45.13 -4.03
C ASP G 101 -27.66 45.32 -3.41
N SER G 102 -27.72 45.68 -2.13
CA SER G 102 -29.01 45.92 -1.46
C SER G 102 -29.68 47.17 -2.03
N ILE G 103 -28.88 48.20 -2.38
CA ILE G 103 -29.40 49.43 -2.98
C ILE G 103 -30.05 49.08 -4.32
N VAL G 104 -29.34 48.33 -5.17
CA VAL G 104 -29.81 47.95 -6.49
C VAL G 104 -31.08 47.14 -6.43
N LEU G 105 -31.16 46.21 -5.48
CA LEU G 105 -32.33 45.35 -5.32
C LEU G 105 -33.60 46.13 -4.94
N GLN G 106 -33.46 47.32 -4.34
CA GLN G 106 -34.62 48.16 -4.05
C GLN G 106 -35.28 48.60 -5.37
N SER G 107 -34.47 49.02 -6.36
CA SER G 107 -35.03 49.46 -7.64
C SER G 107 -35.46 48.30 -8.50
N VAL G 108 -34.80 47.14 -8.38
CA VAL G 108 -35.20 45.93 -9.09
C VAL G 108 -36.61 45.55 -8.60
N PHE G 109 -36.86 45.64 -7.28
CA PHE G 109 -38.17 45.35 -6.72
C PHE G 109 -39.24 46.26 -7.29
N THR G 110 -39.06 47.58 -7.21
CA THR G 110 -40.05 48.53 -7.67
C THR G 110 -40.34 48.41 -9.17
N SER G 111 -39.31 48.13 -9.97
CA SER G 111 -39.46 47.97 -11.42
C SER G 111 -40.26 46.72 -11.73
N VAL G 112 -39.88 45.59 -11.11
CA VAL G 112 -40.56 44.33 -11.31
C VAL G 112 -42.02 44.45 -10.82
N ARG G 113 -42.24 45.08 -9.66
CA ARG G 113 -43.59 45.29 -9.13
C ARG G 113 -44.49 46.00 -10.12
N GLN G 114 -44.00 47.09 -10.71
CA GLN G 114 -44.76 47.89 -11.67
C GLN G 114 -45.16 47.10 -12.91
N LYS G 115 -44.20 46.36 -13.48
CA LYS G 115 -44.44 45.55 -14.67
C LYS G 115 -45.51 44.51 -14.39
N ILE G 116 -45.38 43.80 -13.26
CA ILE G 116 -46.32 42.77 -12.85
C ILE G 116 -47.71 43.34 -12.56
N GLU G 117 -47.77 44.49 -11.88
CA GLU G 117 -49.05 45.16 -11.60
C GLU G 117 -49.83 45.50 -12.87
N LYS G 118 -49.13 45.70 -13.99
CA LYS G 118 -49.75 45.98 -15.28
C LYS G 118 -49.89 44.69 -16.09
N ASN H 9 -8.53 -62.24 28.59
CA ASN H 9 -9.29 -62.24 27.34
C ASN H 9 -8.38 -62.48 26.15
N LEU H 10 -8.90 -63.11 25.08
CA LEU H 10 -8.09 -63.30 23.88
C LEU H 10 -8.00 -61.97 23.14
N THR H 11 -9.14 -61.26 23.02
CA THR H 11 -9.19 -59.96 22.35
C THR H 11 -8.25 -58.97 23.01
N LYS H 12 -8.22 -58.94 24.35
CA LYS H 12 -7.38 -58.04 25.13
C LYS H 12 -5.90 -58.35 24.99
N LYS H 13 -5.54 -59.64 24.88
CA LYS H 13 -4.16 -60.03 24.69
C LYS H 13 -3.70 -59.73 23.28
N MET H 14 -4.60 -59.82 22.27
CA MET H 14 -4.27 -59.44 20.89
C MET H 14 -3.99 -57.94 20.86
N LYS H 15 -4.84 -57.14 21.54
CA LYS H 15 -4.69 -55.69 21.65
C LYS H 15 -3.35 -55.33 22.25
N LYS H 16 -2.97 -56.00 23.36
CA LYS H 16 -1.73 -55.74 24.09
C LYS H 16 -0.50 -55.97 23.24
N ILE H 17 -0.49 -57.07 22.48
CA ILE H 17 0.60 -57.44 21.61
C ILE H 17 0.74 -56.39 20.50
N VAL H 18 -0.36 -56.06 19.80
CA VAL H 18 -0.29 -55.10 18.71
C VAL H 18 0.06 -53.70 19.20
N ASP H 19 -0.46 -53.28 20.37
CA ASP H 19 -0.11 -51.97 20.91
C ASP H 19 1.39 -51.87 21.19
N ALA H 20 1.98 -52.95 21.72
CA ALA H 20 3.41 -52.99 22.02
C ALA H 20 4.26 -53.02 20.76
N VAL H 21 3.82 -53.74 19.72
CA VAL H 21 4.54 -53.77 18.44
C VAL H 21 4.50 -52.39 17.80
N ILE H 22 3.34 -51.73 17.86
CA ILE H 22 3.18 -50.40 17.32
C ILE H 22 4.04 -49.41 18.08
N LYS H 23 4.01 -49.46 19.41
CA LYS H 23 4.76 -48.53 20.25
C LYS H 23 6.27 -48.74 20.24
N TYR H 24 6.75 -49.90 19.75
CA TYR H 24 8.19 -50.18 19.74
C TYR H 24 9.05 -49.08 19.10
N LYS H 25 10.12 -48.71 19.79
CA LYS H 25 11.03 -47.69 19.31
C LYS H 25 12.43 -48.22 19.21
N ASP H 26 13.14 -47.86 18.14
CA ASP H 26 14.53 -48.22 17.91
C ASP H 26 15.38 -47.62 19.02
N SER H 27 16.37 -48.37 19.50
CA SER H 27 17.25 -47.98 20.60
C SER H 27 17.95 -46.61 20.43
N SER H 28 18.71 -46.43 19.35
CA SER H 28 19.43 -45.17 19.13
C SER H 28 18.50 -44.08 18.61
N ARG H 31 13.23 -44.04 17.24
CA ARG H 31 12.26 -43.93 16.16
C ARG H 31 11.23 -45.06 16.22
N GLN H 32 9.94 -44.72 16.10
CA GLN H 32 8.88 -45.72 16.13
C GLN H 32 8.82 -46.41 14.78
N LEU H 33 9.31 -47.65 14.73
CA LEU H 33 9.39 -48.43 13.51
C LEU H 33 8.08 -48.65 12.76
N SER H 34 6.99 -48.83 13.50
CA SER H 34 5.68 -49.09 12.91
C SER H 34 5.06 -47.93 12.14
N GLU H 35 5.54 -46.70 12.35
CA GLU H 35 4.95 -45.48 11.80
C GLU H 35 4.47 -45.57 10.35
N VAL H 36 5.34 -45.95 9.41
CA VAL H 36 4.95 -46.03 8.00
C VAL H 36 3.92 -47.12 7.71
N PHE H 37 3.81 -48.12 8.58
CA PHE H 37 2.92 -49.25 8.41
C PHE H 37 1.54 -49.08 9.03
N ILE H 38 1.28 -47.96 9.73
CA ILE H 38 -0.02 -47.75 10.37
C ILE H 38 -1.12 -47.64 9.33
N GLN H 39 -0.89 -46.82 8.30
CA GLN H 39 -1.89 -46.63 7.28
C GLN H 39 -1.28 -46.56 5.89
N LEU H 40 -1.75 -47.43 5.01
CA LEU H 40 -1.30 -47.51 3.63
C LEU H 40 -1.78 -46.29 2.87
N PRO H 41 -0.95 -45.74 1.97
CA PRO H 41 -1.44 -44.65 1.11
C PRO H 41 -2.61 -45.17 0.26
N SER H 42 -3.54 -44.27 -0.10
CA SER H 42 -4.71 -44.65 -0.88
C SER H 42 -4.34 -45.18 -2.27
N ARG H 43 -5.31 -45.82 -2.95
CA ARG H 43 -5.11 -46.32 -4.30
C ARG H 43 -4.72 -45.22 -5.28
N LYS H 44 -5.26 -44.00 -5.10
CA LYS H 44 -4.93 -42.88 -5.98
C LYS H 44 -3.53 -42.29 -5.64
N GLU H 45 -3.14 -42.34 -4.36
CA GLU H 45 -1.87 -41.82 -3.92
C GLU H 45 -0.71 -42.73 -4.33
N LEU H 46 -0.92 -44.04 -4.30
CA LEU H 46 0.14 -45.00 -4.62
C LEU H 46 -0.40 -46.21 -5.40
N PRO H 47 -0.79 -46.02 -6.68
CA PRO H 47 -1.35 -47.15 -7.44
C PRO H 47 -0.41 -48.32 -7.66
N GLU H 48 0.91 -48.06 -7.70
CA GLU H 48 1.94 -49.07 -7.89
C GLU H 48 1.83 -50.15 -6.80
N TYR H 49 1.57 -49.74 -5.56
CA TYR H 49 1.43 -50.67 -4.44
C TYR H 49 0.34 -51.70 -4.70
N TYR H 50 -0.81 -51.24 -5.17
CA TYR H 50 -1.94 -52.12 -5.41
C TYR H 50 -1.80 -52.97 -6.67
N GLU H 51 -0.93 -52.56 -7.60
CA GLU H 51 -0.66 -53.37 -8.79
C GLU H 51 0.23 -54.55 -8.40
N LEU H 52 1.25 -54.30 -7.55
CA LEU H 52 2.20 -55.32 -7.17
C LEU H 52 1.73 -56.24 -6.04
N ILE H 53 1.08 -55.67 -5.03
CA ILE H 53 0.65 -56.41 -3.84
C ILE H 53 -0.74 -56.98 -3.94
N ARG H 54 -0.86 -58.30 -3.75
CA ARG H 54 -2.11 -59.05 -3.83
C ARG H 54 -3.09 -58.78 -2.69
N LYS H 55 -2.63 -58.86 -1.42
CA LYS H 55 -3.52 -58.65 -0.27
C LYS H 55 -3.00 -57.53 0.63
N PRO H 56 -3.24 -56.27 0.26
CA PRO H 56 -2.76 -55.15 1.09
C PRO H 56 -3.37 -55.13 2.49
N VAL H 57 -2.54 -54.81 3.49
CA VAL H 57 -2.98 -54.76 4.89
C VAL H 57 -2.07 -53.78 5.66
N ASP H 58 -2.65 -53.03 6.61
CA ASP H 58 -1.88 -52.11 7.44
C ASP H 58 -2.26 -52.28 8.94
N PHE H 59 -1.53 -51.66 9.87
CA PHE H 59 -1.83 -51.81 11.29
C PHE H 59 -3.20 -51.28 11.68
N LYS H 60 -3.73 -50.27 10.97
CA LYS H 60 -5.06 -49.74 11.24
C LYS H 60 -6.11 -50.84 11.01
N LYS H 61 -5.96 -51.60 9.91
CA LYS H 61 -6.85 -52.69 9.54
C LYS H 61 -6.72 -53.83 10.54
N ILE H 62 -5.49 -54.13 10.98
CA ILE H 62 -5.28 -55.18 11.97
C ILE H 62 -5.96 -54.84 13.29
N LYS H 63 -5.87 -53.58 13.74
CA LYS H 63 -6.53 -53.13 14.96
C LYS H 63 -8.06 -53.23 14.85
N GLU H 64 -8.60 -52.94 13.65
CA GLU H 64 -10.02 -53.01 13.34
C GLU H 64 -10.48 -54.47 13.40
N ARG H 65 -9.69 -55.38 12.82
CA ARG H 65 -10.01 -56.81 12.83
C ARG H 65 -9.99 -57.37 14.25
N ILE H 66 -9.09 -56.85 15.11
CA ILE H 66 -9.05 -57.26 16.52
C ILE H 66 -10.33 -56.78 17.20
N ARG H 67 -10.62 -55.47 17.14
CA ARG H 67 -11.80 -54.91 17.79
C ARG H 67 -13.10 -55.52 17.27
N ASN H 68 -13.12 -55.99 16.02
CA ASN H 68 -14.30 -56.61 15.42
C ASN H 68 -14.35 -58.14 15.56
N HIS H 69 -13.46 -58.73 16.38
CA HIS H 69 -13.39 -60.18 16.62
C HIS H 69 -13.24 -61.01 15.35
N LYS H 70 -12.40 -60.54 14.43
CA LYS H 70 -12.17 -61.24 13.17
C LYS H 70 -11.08 -62.31 13.24
N TYR H 71 -10.28 -62.33 14.31
CA TYR H 71 -9.25 -63.33 14.48
C TYR H 71 -9.73 -64.36 15.48
N ARG H 72 -9.65 -65.63 15.09
CA ARG H 72 -10.06 -66.72 15.96
C ARG H 72 -8.93 -67.15 16.91
N SER H 73 -7.67 -67.00 16.49
CA SER H 73 -6.52 -67.39 17.30
C SER H 73 -5.38 -66.39 17.20
N LEU H 74 -4.39 -66.48 18.13
CA LEU H 74 -3.19 -65.66 18.03
C LEU H 74 -2.43 -65.98 16.72
N ASN H 75 -2.60 -67.22 16.18
CA ASN H 75 -2.02 -67.63 14.91
C ASN H 75 -2.63 -66.84 13.75
N ASP H 76 -3.94 -66.55 13.81
CA ASP H 76 -4.59 -65.76 12.78
C ASP H 76 -4.10 -64.32 12.85
N LEU H 77 -3.86 -63.78 14.06
CA LEU H 77 -3.31 -62.44 14.20
C LEU H 77 -1.90 -62.40 13.62
N GLU H 78 -1.04 -63.36 14.00
CA GLU H 78 0.33 -63.46 13.52
C GLU H 78 0.39 -63.51 12.00
N LYS H 79 -0.51 -64.29 11.39
CA LYS H 79 -0.62 -64.44 9.96
C LYS H 79 -0.79 -63.09 9.25
N ASP H 80 -1.63 -62.21 9.80
CA ASP H 80 -1.87 -60.91 9.20
C ASP H 80 -0.68 -59.96 9.39
N VAL H 81 -0.03 -60.01 10.55
CA VAL H 81 1.15 -59.18 10.81
C VAL H 81 2.28 -59.60 9.89
N MET H 82 2.52 -60.91 9.79
CA MET H 82 3.57 -61.44 8.92
C MET H 82 3.30 -61.11 7.46
N LEU H 83 2.03 -61.06 7.05
CA LEU H 83 1.64 -60.71 5.70
C LEU H 83 1.93 -59.24 5.42
N LEU H 84 1.68 -58.35 6.40
CA LEU H 84 2.01 -56.92 6.27
C LEU H 84 3.51 -56.76 6.02
N CYS H 85 4.32 -57.48 6.80
CA CYS H 85 5.77 -57.41 6.66
C CYS H 85 6.24 -58.00 5.34
N GLN H 86 5.65 -59.13 4.91
CA GLN H 86 5.96 -59.76 3.63
C GLN H 86 5.65 -58.81 2.48
N ASN H 87 4.52 -58.10 2.57
CA ASN H 87 4.09 -57.12 1.58
C ASN H 87 5.09 -55.97 1.51
N ALA H 88 5.56 -55.50 2.67
CA ALA H 88 6.55 -54.43 2.70
C ALA H 88 7.87 -54.88 2.07
N GLN H 89 8.26 -56.15 2.27
CA GLN H 89 9.47 -56.69 1.67
C GLN H 89 9.36 -56.92 0.18
N THR H 90 8.13 -57.10 -0.33
CA THR H 90 7.91 -57.28 -1.76
C THR H 90 7.92 -55.92 -2.47
N PHE H 91 7.26 -54.91 -1.88
CA PHE H 91 7.17 -53.58 -2.49
C PHE H 91 8.48 -52.79 -2.42
N ASN H 92 9.17 -52.86 -1.29
CA ASN H 92 10.40 -52.10 -1.10
C ASN H 92 11.65 -52.92 -1.40
N LEU H 93 12.75 -52.25 -1.73
CA LEU H 93 14.01 -52.93 -2.05
C LEU H 93 14.70 -53.50 -0.83
N GLU H 94 15.37 -54.64 -1.00
CA GLU H 94 16.17 -55.28 0.03
C GLU H 94 17.35 -54.35 0.32
N GLY H 95 17.54 -54.02 1.59
CA GLY H 95 18.58 -53.08 1.99
C GLY H 95 18.01 -51.72 2.38
N SER H 96 16.82 -51.37 1.88
CA SER H 96 16.17 -50.09 2.21
C SER H 96 15.72 -50.06 3.66
N LEU H 97 15.53 -48.86 4.21
CA LEU H 97 15.12 -48.71 5.59
C LEU H 97 13.76 -49.33 5.86
N ILE H 98 12.77 -49.07 4.99
CA ILE H 98 11.42 -49.60 5.18
C ILE H 98 11.40 -51.12 5.19
N TYR H 99 12.17 -51.73 4.28
CA TYR H 99 12.31 -53.18 4.18
C TYR H 99 12.84 -53.75 5.50
N GLU H 100 13.90 -53.13 6.03
CA GLU H 100 14.51 -53.57 7.27
C GLU H 100 13.62 -53.38 8.46
N ASP H 101 12.88 -52.28 8.49
CA ASP H 101 11.93 -52.03 9.58
C ASP H 101 10.87 -53.14 9.63
N SER H 102 10.42 -53.62 8.46
CA SER H 102 9.45 -54.71 8.41
C SER H 102 10.05 -56.01 8.91
N ILE H 103 11.34 -56.25 8.61
CA ILE H 103 12.06 -57.43 9.08
C ILE H 103 12.10 -57.42 10.62
N VAL H 104 12.50 -56.29 11.20
CA VAL H 104 12.63 -56.14 12.65
C VAL H 104 11.30 -56.33 13.35
N LEU H 105 10.22 -55.79 12.77
CA LEU H 105 8.89 -55.92 13.35
C LEU H 105 8.38 -57.35 13.41
N GLN H 106 8.90 -58.25 12.56
CA GLN H 106 8.54 -59.66 12.64
C GLN H 106 9.02 -60.24 13.98
N SER H 107 10.27 -59.96 14.40
CA SER H 107 10.77 -60.47 15.68
C SER H 107 10.21 -59.72 16.87
N VAL H 108 9.87 -58.44 16.70
CA VAL H 108 9.23 -57.67 17.76
C VAL H 108 7.85 -58.31 18.06
N PHE H 109 7.13 -58.73 17.00
CA PHE H 109 5.86 -59.42 17.16
C PHE H 109 6.01 -60.71 17.97
N THR H 110 6.91 -61.60 17.53
CA THR H 110 7.10 -62.88 18.21
C THR H 110 7.57 -62.75 19.66
N SER H 111 8.32 -61.69 19.96
CA SER H 111 8.79 -61.44 21.32
C SER H 111 7.65 -60.96 22.23
P PO4 I . 8.22 10.14 -19.09
O1 PO4 I . 9.29 10.11 -20.15
O2 PO4 I . 8.67 11.00 -17.90
O3 PO4 I . 6.92 10.74 -19.68
O4 PO4 I . 7.92 8.71 -18.60
P PO4 J . -18.24 -0.28 -5.52
O1 PO4 J . -17.95 -0.97 -6.85
O2 PO4 J . -19.13 -1.19 -4.63
O3 PO4 J . -16.92 0.01 -4.77
O4 PO4 J . -18.97 1.05 -5.76
P PO4 K . -24.69 -23.52 -14.96
O1 PO4 K . -23.56 -22.79 -15.65
O2 PO4 K . -24.35 -23.77 -13.48
O3 PO4 K . -25.98 -22.68 -15.04
O4 PO4 K . -24.93 -24.88 -15.65
P PO4 L . -17.06 18.26 -21.09
O1 PO4 L . -16.18 19.42 -21.48
O2 PO4 L . -18.30 18.75 -20.32
O3 PO4 L . -16.26 17.30 -20.16
O4 PO4 L . -17.51 17.47 -22.33
C1 GOL M . -6.28 0.16 -7.87
O1 GOL M . -7.04 1.30 -8.24
C2 GOL M . -7.17 -1.01 -7.54
O2 GOL M . -7.95 -1.38 -8.68
C3 GOL M . -6.39 -2.21 -7.02
O3 GOL M . -7.26 -3.23 -6.56
C4 VLH N . -22.83 36.92 5.06
C14 VLH N . -29.36 38.17 4.56
C5 VLH N . -21.76 38.28 6.99
C6 VLH N . -23.87 39.11 5.78
C11 VLH N . -28.47 40.72 5.21
C7 VLH N . -25.22 38.85 5.62
C8 VLH N . -26.08 39.89 5.30
C9 VLH N . -23.48 40.44 5.54
C10 VLH N . -27.54 39.67 5.09
C12 VLH N . -29.84 40.47 5.01
C13 VLH N . -30.27 39.20 4.68
N1 VLH N . -23.00 37.96 6.15
N2 VLH N . -25.63 41.13 5.05
C3 VLH N . -21.37 36.55 4.70
N3 VLH N . -24.33 41.42 5.20
O7 VLH N . -19.38 20.03 -4.86
C41 VLH N . -18.38 20.73 -4.98
N9 VLH N . -18.22 21.63 -5.95
C42 VLH N . -19.15 21.77 -7.08
C44 VLH N . -18.82 20.78 -8.18
C49 VLH N . -17.51 20.35 -8.38
C48 VLH N . -17.20 19.45 -9.38
C47 VLH N . -18.19 19.00 -10.27
C50 VLH N . -17.85 18.04 -11.33
S VLH N . -16.77 16.75 -10.96
C53 VLH N . -16.88 16.23 -12.60
N10 VLH N . -17.64 16.94 -13.37
C51 VLH N . -18.20 17.99 -12.67
C52 VLH N . -19.09 18.93 -13.40
C46 VLH N . -19.51 19.43 -10.06
C45 VLH N . -19.81 20.31 -9.05
C43 VLH N . -19.10 23.21 -7.59
C40 VLH N . -17.22 20.60 -3.99
C39 VLH N . -16.15 19.65 -4.57
C38 VLH N . -15.59 18.93 -3.35
O6 VLH N . -14.58 19.73 -2.72
C37 VLH N . -16.81 18.77 -2.45
N8 VLH N . -17.57 19.99 -2.71
C36 VLH N . -18.50 20.53 -1.90
O5 VLH N . -19.08 21.55 -2.21
C32 VLH N . -18.81 19.82 -0.59
C33 VLH N . -20.34 19.60 -0.43
C35 VLH N . -20.86 18.72 -1.56
C34 VLH N . -20.64 18.97 0.92
C30 VLH N . -18.35 20.87 0.40
O4 VLH N . -17.23 20.60 1.10
N7 VLH N . -16.96 21.69 1.96
C31 VLH N . -18.83 22.06 0.76
C29 VLH N . -17.93 22.54 1.72
O3 VLH N . -18.05 23.73 2.34
C28 VLH N . -18.37 24.85 1.48
C27 VLH N . -18.12 26.13 2.24
N6 VLH N . -19.22 26.45 3.16
C26 VLH N . -20.28 27.20 2.47
C25 VLH N . -21.46 27.50 3.41
C54 VLH N . -18.73 27.22 4.31
C55 VLH N . -19.84 27.50 5.31
C24 VLH N . -20.98 28.24 4.63
O2 VLH N . -22.07 28.45 5.56
C22 VLH N . -21.98 29.38 6.66
C21 VLH N . -23.30 30.16 6.75
C23 VLH N . -21.21 30.69 6.41
C20 VLH N . -22.52 31.47 6.56
O1 VLH N . -22.57 32.32 7.73
C19 VLH N . -21.65 33.32 7.86
N5 VLH N . -20.92 33.36 8.96
C18 VLH N . -20.05 34.38 9.06
C17 VLH N . -19.91 35.37 8.10
C56 VLH N . -21.61 34.27 6.85
C16 VLH N . -20.72 35.34 6.99
N VLH N . -20.54 36.38 5.94
C2 VLH N . -20.61 37.66 4.00
C1 VLH N . -19.98 38.50 5.14
C VLH N . -20.42 37.79 6.43
N4 VLH N . -22.22 40.88 5.63
C15 VLH N . -28.01 38.40 4.76
O VLH N . -28.12 41.98 5.54
CL CL O . 24.17 3.42 19.57
P PO4 P . 12.72 -20.83 23.21
O1 PO4 P . 14.23 -20.82 23.28
O2 PO4 P . 12.12 -20.37 24.57
O3 PO4 P . 12.22 -19.88 22.10
O4 PO4 P . 12.21 -22.25 22.92
P PO4 Q . -7.20 -9.60 15.78
O1 PO4 Q . -5.98 -8.75 15.47
O2 PO4 Q . -8.20 -8.79 16.62
O3 PO4 Q . -7.88 -10.04 14.47
O4 PO4 Q . -6.78 -10.85 16.57
C4 VLH R . 4.89 -44.79 2.36
C14 VLH R . 1.57 -49.81 5.27
C5 VLH R . 5.47 -45.34 -0.10
C6 VLH R . 5.10 -47.19 1.62
C11 VLH R . 3.30 -51.27 3.66
C7 VLH R . 4.15 -47.82 2.40
C8 VLH R . 4.35 -49.14 2.79
C9 VLH R . 6.23 -47.97 1.31
C10 VLH R . 3.37 -49.87 3.65
C12 VLH R . 2.37 -51.92 4.47
C13 VLH R . 1.51 -51.18 5.27
N1 VLH R . 4.85 -45.78 1.22
N2 VLH R . 5.47 -49.80 2.49
C3 VLH R . 5.84 -43.58 2.18
N3 VLH R . 6.41 -49.22 1.72
O7 VLH R . 2.86 -26.86 11.26
C41 VLH R . 3.97 -26.87 10.72
N9 VLH R . 5.06 -27.32 11.31
C42 VLH R . 5.10 -27.71 12.72
C44 VLH R . 5.48 -26.54 13.61
C49 VLH R . 5.16 -26.54 14.96
C48 VLH R . 5.53 -25.47 15.78
C47 VLH R . 6.24 -24.40 15.26
C50 VLH R . 6.66 -23.29 16.13
S VLH R . 6.01 -21.70 15.88
C53 VLH R . 6.97 -21.14 17.19
N10 VLH R . 7.71 -22.03 17.77
C51 VLH R . 7.56 -23.26 17.17
C52 VLH R . 8.36 -24.41 17.69
C46 VLH R . 6.57 -24.41 13.91
C45 VLH R . 6.21 -25.47 13.10
C43 VLH R . 6.05 -28.88 12.90
C40 VLH R . 4.16 -26.30 9.32
C39 VLH R . 4.57 -24.82 9.41
C38 VLH R . 3.83 -24.14 8.27
O6 VLH R . 4.56 -24.26 7.05
C37 VLH R . 2.51 -24.89 8.21
N8 VLH R . 2.91 -26.26 8.53
C36 VLH R . 2.26 -27.38 8.20
O5 VLH R . 2.68 -28.48 8.53
C32 VLH R . 0.96 -27.27 7.41
C33 VLH R . -0.19 -28.03 8.10
C35 VLH R . -0.39 -27.55 9.53
C34 VLH R . -1.47 -27.87 7.30
C30 VLH R . 1.33 -28.00 6.14
O4 VLH R . 1.53 -27.25 5.03
N7 VLH R . 1.86 -28.12 3.97
C31 VLH R . 1.49 -29.29 5.85
C29 VLH R . 1.83 -29.33 4.50
O3 VLH R . 2.09 -30.45 3.80
C28 VLH R . 3.01 -31.38 4.43
C27 VLH R . 3.30 -32.49 3.46
N6 VLH R . 2.33 -33.60 3.54
C26 VLH R . 2.87 -34.69 4.39
C25 VLH R . 1.88 -35.84 4.52
C54 VLH R . 2.03 -34.12 2.20
C55 VLH R . 1.01 -35.25 2.25
C24 VLH R . 1.51 -36.36 3.14
O2 VLH R . 0.56 -37.44 3.23
C22 VLH R . 0.40 -38.31 2.09
C21 VLH R . -0.04 -39.70 2.57
C23 VLH R . 1.70 -38.91 1.51
C20 VLH R . 1.33 -40.27 2.12
O1 VLH R . 1.21 -41.32 1.12
C19 VLH R . 2.29 -41.58 0.35
N5 VLH R . 2.23 -41.30 -0.95
C18 VLH R . 3.32 -41.60 -1.68
C17 VLH R . 4.48 -42.15 -1.15
C56 VLH R . 3.39 -42.14 0.98
C16 VLH R . 4.51 -42.47 0.19
N VLH R . 5.74 -43.03 0.79
C2 VLH R . 7.33 -43.96 2.23
C1 VLH R . 7.68 -44.34 0.78
C VLH R . 6.40 -44.10 -0.03
N4 VLH R . 7.26 -47.52 0.57
C15 VLH R . 2.49 -49.15 4.45
O VLH R . 4.10 -52.04 2.90
P PO4 S . -54.58 34.92 -3.89
O1 PO4 S . -53.60 34.74 -5.02
O2 PO4 S . -55.58 36.05 -4.22
O3 PO4 S . -55.37 33.62 -3.66
O4 PO4 S . -53.83 35.28 -2.58
#